data_3TSD
#
_entry.id   3TSD
#
_cell.length_a   123.250
_cell.length_b   123.250
_cell.length_c   141.636
_cell.angle_alpha   90.00
_cell.angle_beta   90.00
_cell.angle_gamma   90.00
#
_symmetry.space_group_name_H-M   'I 4'
#
loop_
_entity.id
_entity.type
_entity.pdbx_description
1 polymer "Inosine-5'-monophosphate dehydrogenase"
2 non-polymer "XANTHOSINE-5'-MONOPHOSPHATE"
3 non-polymer 'D(-)-TARTARIC ACID'
4 non-polymer 'SULFATE ION'
5 water water
#
_entity_poly.entity_id   1
_entity_poly.type   'polypeptide(L)'
_entity_poly.pdbx_seq_one_letter_code
;MHHHHHHSSGVDLGTENLYFQSNAMWESKFVKEGLTFDDVLLVPAKSDVLPREVSVKTVLSESLQLNIPLISAGMDTVTE
ADMAIAMARQGGLGIIHKNMSIEQQAEQVDKVKRSESGVISDPFFLTPEHQVYDAEHLMGKYRISGVPVVNNLDERKLVG
IITNRDMRFIQDYSIKISDVMTKEQLITAPVGTTLSEAEKILQKYKIEKLPLVDNNGVLQGLITIKDIEKVIEFPNSAKD
KQGRLLVGAAVGVTADAMTRIDALVKASVDAIVLDTAHGHSQGVIDKVKEVRAKYPSLNIIAGNVATAEATKALIEAGAN
VVKVGIGPGSICTTRVVAGVGVPQLTAVYDCATEARKHGIPVIADGGIKYSGDMVKALAAGAHVVMLGSMFAGVAESPGE
TEIYQGRQFKVYRGMGSVGAMEKGSKDRYFQEGNKKLVPEGIEGRVPYKGPLADTVHQLVGGLRAGMGYCGAQDLEFLRE
NAQFIRMSGAGLLESHPHHVQITKEAPNYSL
;
_entity_poly.pdbx_strand_id   A,B
#
loop_
_chem_comp.id
_chem_comp.type
_chem_comp.name
_chem_comp.formula
SO4 non-polymer 'SULFATE ION' 'O4 S -2'
TAR non-polymer 'D(-)-TARTARIC ACID' 'C4 H6 O6'
XMP non-polymer XANTHOSINE-5'-MONOPHOSPHATE 'C10 H14 N4 O9 P 1'
#
# COMPACT_ATOMS: atom_id res chain seq x y z
N GLN A 21 -27.50 -22.52 54.61
CA GLN A 21 -27.69 -21.19 55.21
C GLN A 21 -28.37 -20.23 54.25
N SER A 22 -29.58 -19.81 54.61
CA SER A 22 -30.49 -19.12 53.71
C SER A 22 -30.00 -17.74 53.27
N ASN A 23 -29.27 -17.08 54.17
CA ASN A 23 -28.97 -15.66 53.97
C ASN A 23 -27.63 -15.28 53.36
N ALA A 24 -26.84 -16.30 53.00
CA ALA A 24 -25.48 -16.09 52.54
C ALA A 24 -25.40 -15.31 51.22
N MET A 25 -26.27 -15.65 50.26
CA MET A 25 -26.27 -15.00 48.94
C MET A 25 -26.57 -13.50 49.05
N TRP A 26 -27.50 -13.16 49.93
CA TRP A 26 -27.84 -11.79 50.21
C TRP A 26 -26.72 -11.03 50.88
N GLU A 27 -26.13 -11.62 51.91
CA GLU A 27 -25.05 -10.94 52.62
C GLU A 27 -23.78 -10.72 51.79
N SER A 28 -23.51 -11.61 50.84
CA SER A 28 -22.27 -11.56 50.08
C SER A 28 -22.33 -10.71 48.80
N LYS A 29 -23.45 -10.03 48.59
CA LYS A 29 -23.78 -9.38 47.32
C LYS A 29 -22.71 -8.38 46.84
N PHE A 30 -22.26 -7.57 47.78
CA PHE A 30 -21.25 -6.53 47.52
C PHE A 30 -19.80 -6.85 47.91
N VAL A 31 -19.57 -8.11 48.27
CA VAL A 31 -18.31 -8.54 48.83
C VAL A 31 -17.17 -8.56 47.82
N LYS A 32 -17.39 -9.10 46.63
CA LYS A 32 -16.32 -9.23 45.65
C LYS A 32 -15.75 -7.89 45.14
N GLU A 33 -14.47 -7.95 44.76
CA GLU A 33 -13.74 -6.78 44.26
C GLU A 33 -12.90 -7.14 43.03
N GLY A 34 -12.82 -6.22 42.07
CA GLY A 34 -12.07 -6.50 40.86
C GLY A 34 -11.25 -5.36 40.32
N LEU A 35 -10.28 -5.73 39.48
CA LEU A 35 -9.26 -4.83 38.97
C LEU A 35 -9.24 -4.86 37.47
N THR A 36 -8.99 -3.69 36.89
CA THR A 36 -8.73 -3.62 35.48
C THR A 36 -7.27 -3.22 35.23
N PHE A 37 -6.90 -3.14 33.95
CA PHE A 37 -5.54 -2.84 33.51
C PHE A 37 -4.89 -1.61 34.18
N ASP A 38 -5.66 -0.54 34.31
CA ASP A 38 -5.20 0.75 34.86
C ASP A 38 -5.07 0.81 36.37
N ASP A 39 -5.47 -0.26 37.06
CA ASP A 39 -5.34 -0.30 38.50
C ASP A 39 -3.97 -0.81 38.93
N VAL A 40 -3.20 -1.34 37.98
CA VAL A 40 -2.00 -2.08 38.36
C VAL A 40 -0.75 -1.86 37.49
N LEU A 41 0.39 -2.24 38.05
CA LEU A 41 1.63 -2.27 37.31
C LEU A 41 2.32 -3.57 37.64
N LEU A 42 3.02 -4.11 36.65
CA LEU A 42 3.96 -5.20 36.88
C LEU A 42 5.18 -4.70 37.65
N VAL A 43 5.60 -5.49 38.63
CA VAL A 43 6.75 -5.14 39.47
C VAL A 43 8.03 -5.74 38.90
N PRO A 44 9.08 -4.90 38.72
CA PRO A 44 10.37 -5.37 38.21
C PRO A 44 10.98 -6.43 39.12
N ALA A 45 11.72 -7.33 38.51
CA ALA A 45 12.26 -8.45 39.22
C ALA A 45 13.65 -8.73 38.69
N LYS A 46 14.39 -9.56 39.42
CA LYS A 46 15.69 -10.04 38.97
C LYS A 46 15.56 -10.60 37.55
N SER A 47 16.44 -10.15 36.67
CA SER A 47 16.36 -10.50 35.27
C SER A 47 17.75 -10.79 34.69
N ASP A 48 17.96 -12.01 34.20
CA ASP A 48 19.19 -12.33 33.48
C ASP A 48 18.98 -12.34 31.97
N VAL A 49 17.74 -12.11 31.55
CA VAL A 49 17.36 -12.30 30.16
C VAL A 49 17.00 -10.99 29.47
N LEU A 50 17.60 -10.74 28.31
CA LEU A 50 17.35 -9.51 27.57
C LEU A 50 16.10 -9.66 26.67
N PRO A 51 15.39 -8.56 26.44
CA PRO A 51 14.17 -8.51 25.63
C PRO A 51 14.31 -9.23 24.29
N ARG A 52 15.47 -9.11 23.64
CA ARG A 52 15.65 -9.74 22.34
C ARG A 52 15.76 -11.26 22.44
N GLU A 53 16.24 -11.76 23.58
CA GLU A 53 16.41 -13.21 23.73
C GLU A 53 15.16 -13.97 24.23
N VAL A 54 14.18 -13.26 24.79
CA VAL A 54 13.01 -13.91 25.33
C VAL A 54 12.24 -14.63 24.23
N SER A 55 11.48 -15.65 24.63
CA SER A 55 10.63 -16.40 23.72
C SER A 55 9.17 -15.98 23.94
N VAL A 56 8.53 -15.47 22.88
CA VAL A 56 7.11 -15.07 22.90
C VAL A 56 6.11 -16.11 22.36
N LYS A 57 6.62 -17.32 22.08
CA LYS A 57 5.79 -18.40 21.56
C LYS A 57 4.79 -18.95 22.59
N THR A 58 3.64 -19.41 22.13
CA THR A 58 2.66 -20.05 23.01
C THR A 58 1.96 -21.22 22.35
N VAL A 59 1.76 -22.28 23.13
CA VAL A 59 1.04 -23.45 22.67
C VAL A 59 -0.39 -23.49 23.24
N LEU A 60 -1.38 -23.31 22.38
CA LEU A 60 -2.78 -23.51 22.78
C LEU A 60 -3.23 -24.99 22.76
N SER A 61 -2.59 -25.80 21.92
CA SER A 61 -2.71 -27.26 21.96
C SER A 61 -1.64 -27.75 21.02
N GLU A 62 -1.46 -29.06 20.92
CA GLU A 62 -0.33 -29.57 20.17
C GLU A 62 -0.53 -29.24 18.69
N SER A 63 -1.77 -29.05 18.31
CA SER A 63 -2.12 -28.76 16.93
C SER A 63 -2.28 -27.26 16.74
N LEU A 64 -2.13 -26.50 17.82
CA LEU A 64 -2.25 -25.06 17.71
C LEU A 64 -1.10 -24.33 18.42
N GLN A 65 -0.13 -23.89 17.65
CA GLN A 65 1.11 -23.40 18.22
C GLN A 65 1.49 -22.07 17.58
N LEU A 66 1.46 -21.02 18.39
CA LEU A 66 1.62 -19.65 17.92
C LEU A 66 3.05 -19.24 18.17
N ASN A 67 3.58 -18.37 17.33
CA ASN A 67 4.88 -17.79 17.65
C ASN A 67 4.76 -16.43 18.33
N ILE A 68 3.55 -15.86 18.30
CA ILE A 68 3.25 -14.68 19.08
C ILE A 68 1.87 -14.78 19.71
N PRO A 69 1.73 -14.28 20.94
CA PRO A 69 0.49 -14.48 21.71
C PRO A 69 -0.65 -13.57 21.27
N LEU A 70 -0.99 -13.58 19.99
CA LEU A 70 -1.98 -12.67 19.45
C LEU A 70 -2.96 -13.34 18.56
N ILE A 71 -4.22 -13.00 18.76
CA ILE A 71 -5.29 -13.42 17.88
C ILE A 71 -6.13 -12.21 17.45
N SER A 72 -6.41 -12.12 16.14
CA SER A 72 -7.37 -11.14 15.63
C SER A 72 -8.81 -11.64 15.78
N ALA A 73 -9.69 -10.76 16.25
CA ALA A 73 -11.06 -11.12 16.61
C ALA A 73 -11.93 -11.57 15.41
N GLY A 74 -12.78 -12.57 15.61
CA GLY A 74 -13.76 -12.80 14.56
C GLY A 74 -14.78 -11.69 14.63
N MET A 75 -14.67 -10.75 13.70
CA MET A 75 -15.55 -9.59 13.66
C MET A 75 -15.51 -9.12 12.24
N ASP A 76 -16.63 -8.62 11.74
CA ASP A 76 -16.72 -8.28 10.33
C ASP A 76 -15.86 -7.07 9.95
N THR A 77 -15.46 -6.26 10.93
CA THR A 77 -14.55 -5.14 10.68
C THR A 77 -13.09 -5.46 10.96
N VAL A 78 -12.82 -6.69 11.37
CA VAL A 78 -11.47 -7.09 11.72
C VAL A 78 -10.92 -8.23 10.83
N THR A 79 -11.55 -9.40 10.84
CA THR A 79 -10.90 -10.59 10.27
C THR A 79 -11.64 -11.33 9.16
N GLU A 80 -11.03 -11.32 7.97
CA GLU A 80 -11.38 -12.17 6.84
C GLU A 80 -10.07 -12.76 6.31
N ALA A 81 -10.09 -13.43 5.17
CA ALA A 81 -8.89 -14.11 4.67
C ALA A 81 -7.58 -13.30 4.67
N ASP A 82 -7.62 -12.06 4.21
CA ASP A 82 -6.41 -11.26 4.07
C ASP A 82 -5.77 -11.07 5.44
N MET A 83 -6.62 -10.85 6.43
CA MET A 83 -6.20 -10.65 7.80
C MET A 83 -5.64 -11.93 8.43
N ALA A 84 -6.35 -13.06 8.26
CA ALA A 84 -5.93 -14.33 8.85
C ALA A 84 -4.57 -14.75 8.30
N ILE A 85 -4.37 -14.45 7.02
CA ILE A 85 -3.08 -14.63 6.37
C ILE A 85 -1.98 -13.76 7.00
N ALA A 86 -2.25 -12.46 7.14
CA ALA A 86 -1.27 -11.56 7.72
C ALA A 86 -0.95 -11.92 9.17
N MET A 87 -1.96 -12.30 9.94
CA MET A 87 -1.75 -12.70 11.33
C MET A 87 -0.85 -13.92 11.44
N ALA A 88 -1.21 -14.99 10.72
CA ALA A 88 -0.48 -16.23 10.79
C ALA A 88 0.97 -16.03 10.37
N ARG A 89 1.18 -15.18 9.37
CA ARG A 89 2.52 -14.90 8.88
C ARG A 89 3.41 -14.30 9.96
N GLN A 90 2.78 -13.61 10.91
CA GLN A 90 3.47 -12.98 12.02
C GLN A 90 3.66 -13.90 13.23
N GLY A 91 3.08 -15.10 13.18
CA GLY A 91 3.12 -16.03 14.29
C GLY A 91 1.83 -16.10 15.09
N GLY A 92 0.89 -15.21 14.78
CA GLY A 92 -0.40 -15.18 15.46
C GLY A 92 -1.49 -15.94 14.72
N LEU A 93 -2.76 -15.66 15.02
CA LEU A 93 -3.88 -16.39 14.42
C LEU A 93 -5.08 -15.49 14.11
N GLY A 94 -5.61 -15.61 12.91
CA GLY A 94 -6.87 -14.93 12.61
C GLY A 94 -8.07 -15.82 12.87
N ILE A 95 -9.18 -15.22 13.32
CA ILE A 95 -10.47 -15.91 13.33
C ILE A 95 -11.43 -15.32 12.31
N ILE A 96 -11.71 -16.08 11.24
CA ILE A 96 -12.70 -15.65 10.25
C ILE A 96 -14.03 -15.43 10.97
N HIS A 97 -14.64 -14.28 10.73
CA HIS A 97 -15.91 -13.95 11.36
C HIS A 97 -17.06 -14.72 10.70
N LYS A 98 -18.14 -14.87 11.46
CA LYS A 98 -19.30 -15.65 11.04
C LYS A 98 -20.39 -14.86 10.33
N ASN A 99 -20.20 -13.54 10.19
CA ASN A 99 -21.23 -12.74 9.52
C ASN A 99 -21.05 -12.84 8.02
N MET A 100 -21.17 -14.06 7.52
CA MET A 100 -21.04 -14.36 6.09
C MET A 100 -21.70 -15.69 5.81
N SER A 101 -21.93 -15.98 4.53
CA SER A 101 -22.52 -17.25 4.13
C SER A 101 -21.56 -18.37 4.54
N ILE A 102 -22.12 -19.53 4.89
CA ILE A 102 -21.30 -20.65 5.34
C ILE A 102 -20.36 -21.07 4.23
N GLU A 103 -20.85 -21.08 3.00
CA GLU A 103 -20.02 -21.40 1.84
C GLU A 103 -18.94 -20.37 1.71
N GLN A 104 -19.31 -19.13 2.02
CA GLN A 104 -18.35 -18.03 1.94
C GLN A 104 -17.24 -18.20 2.96
N GLN A 105 -17.61 -18.53 4.18
CA GLN A 105 -16.65 -18.70 5.25
C GLN A 105 -15.69 -19.89 5.06
N ALA A 106 -16.25 -21.03 4.67
CA ALA A 106 -15.42 -22.20 4.31
C ALA A 106 -14.42 -21.82 3.21
N GLU A 107 -14.87 -20.98 2.30
CA GLU A 107 -14.03 -20.52 1.20
C GLU A 107 -12.94 -19.59 1.70
N GLN A 108 -13.27 -18.80 2.71
CA GLN A 108 -12.28 -17.89 3.30
C GLN A 108 -11.22 -18.69 4.02
N VAL A 109 -11.65 -19.74 4.72
CA VAL A 109 -10.70 -20.65 5.37
C VAL A 109 -9.78 -21.37 4.36
N ASP A 110 -10.39 -21.94 3.33
CA ASP A 110 -9.62 -22.54 2.25
C ASP A 110 -8.57 -21.58 1.63
N LYS A 111 -8.91 -20.30 1.55
CA LYS A 111 -7.97 -19.35 0.97
C LYS A 111 -6.76 -19.20 1.89
N VAL A 112 -7.00 -19.25 3.19
CA VAL A 112 -5.90 -19.14 4.15
C VAL A 112 -5.09 -20.44 4.19
N LYS A 113 -5.77 -21.57 4.16
CA LYS A 113 -5.05 -22.83 4.19
C LYS A 113 -4.19 -23.04 2.93
N ARG A 114 -4.64 -22.54 1.79
CA ARG A 114 -3.91 -22.77 0.54
C ARG A 114 -3.01 -21.63 0.07
N SER A 115 -2.94 -20.57 0.87
CA SER A 115 -2.05 -19.45 0.61
C SER A 115 -0.58 -19.89 0.35
N GLU A 116 -0.07 -20.76 1.20
CA GLU A 116 1.21 -21.41 0.91
C GLU A 116 1.27 -22.88 1.31
N SER A 117 1.91 -23.69 0.47
CA SER A 117 2.02 -25.13 0.67
C SER A 117 0.68 -25.88 0.65
N GLY A 118 -0.32 -25.29 -0.01
CA GLY A 118 -1.67 -25.83 0.04
C GLY A 118 -2.01 -26.94 -0.95
N VAL A 119 -1.43 -26.85 -2.13
CA VAL A 119 -1.59 -27.86 -3.18
C VAL A 119 -0.45 -28.87 -3.23
N ILE A 120 0.42 -28.83 -2.24
CA ILE A 120 1.46 -29.85 -2.15
C ILE A 120 0.89 -31.27 -2.04
N SER A 121 -0.02 -31.50 -1.09
CA SER A 121 -0.68 -32.81 -1.02
C SER A 121 -2.11 -32.92 -1.60
N ASP A 122 -2.77 -31.78 -1.83
CA ASP A 122 -4.11 -31.82 -2.43
C ASP A 122 -4.23 -30.78 -3.54
N PRO A 123 -3.72 -31.13 -4.73
CA PRO A 123 -3.63 -30.20 -5.86
C PRO A 123 -4.95 -30.01 -6.58
N PHE A 124 -5.21 -28.80 -7.07
CA PHE A 124 -6.19 -28.60 -8.12
C PHE A 124 -5.60 -28.92 -9.50
N PHE A 125 -6.45 -29.32 -10.43
CA PHE A 125 -5.99 -29.64 -11.78
C PHE A 125 -7.06 -29.33 -12.80
N LEU A 126 -6.63 -29.14 -14.03
CA LEU A 126 -7.55 -28.98 -15.14
C LEU A 126 -7.30 -30.08 -16.15
N THR A 127 -8.11 -30.10 -17.20
CA THR A 127 -7.95 -31.03 -18.31
C THR A 127 -7.79 -30.17 -19.56
N PRO A 128 -7.27 -30.76 -20.65
CA PRO A 128 -7.13 -29.98 -21.88
C PRO A 128 -8.46 -29.39 -22.36
N GLU A 129 -9.57 -29.96 -21.91
CA GLU A 129 -10.90 -29.58 -22.37
C GLU A 129 -11.57 -28.40 -21.64
N HIS A 130 -11.00 -27.99 -20.51
CA HIS A 130 -11.44 -26.77 -19.80
C HIS A 130 -11.06 -25.55 -20.59
N GLN A 131 -11.74 -24.45 -20.34
CA GLN A 131 -11.27 -23.18 -20.87
C GLN A 131 -10.19 -22.55 -19.98
N VAL A 132 -9.63 -21.44 -20.43
CA VAL A 132 -8.63 -20.69 -19.67
C VAL A 132 -9.31 -19.88 -18.55
N TYR A 133 -10.60 -19.62 -18.73
CA TYR A 133 -11.39 -18.97 -17.68
C TYR A 133 -11.26 -19.78 -16.39
N ASP A 134 -11.16 -21.09 -16.54
CA ASP A 134 -10.99 -21.99 -15.41
C ASP A 134 -9.63 -21.80 -14.75
N ALA A 135 -8.61 -21.64 -15.58
CA ALA A 135 -7.27 -21.42 -15.06
C ALA A 135 -7.22 -20.12 -14.26
N GLU A 136 -7.81 -19.06 -14.81
CA GLU A 136 -7.71 -17.73 -14.22
C GLU A 136 -8.47 -17.63 -12.90
N HIS A 137 -9.57 -18.38 -12.81
CA HIS A 137 -10.32 -18.54 -11.57
C HIS A 137 -9.46 -19.14 -10.45
N LEU A 138 -8.82 -20.28 -10.73
CA LEU A 138 -8.01 -20.96 -9.72
C LEU A 138 -6.83 -20.10 -9.25
N MET A 139 -6.07 -19.58 -10.20
CA MET A 139 -4.92 -18.75 -9.87
C MET A 139 -5.37 -17.51 -9.13
N GLY A 140 -6.51 -16.97 -9.54
CA GLY A 140 -7.05 -15.80 -8.89
C GLY A 140 -7.55 -16.11 -7.49
N LYS A 141 -8.37 -17.15 -7.38
CA LYS A 141 -8.94 -17.55 -6.10
C LYS A 141 -7.85 -17.78 -5.03
N TYR A 142 -6.88 -18.63 -5.34
CA TYR A 142 -5.82 -19.03 -4.40
C TYR A 142 -4.46 -18.31 -4.50
N ARG A 143 -4.31 -17.37 -5.44
CA ARG A 143 -3.08 -16.60 -5.60
C ARG A 143 -1.85 -17.47 -5.90
N ILE A 144 -2.08 -18.62 -6.54
CA ILE A 144 -1.03 -19.61 -6.83
C ILE A 144 -0.19 -19.33 -8.09
N SER A 145 -0.85 -18.96 -9.18
CA SER A 145 -0.19 -18.66 -10.47
C SER A 145 0.46 -19.80 -11.27
N GLY A 146 0.02 -21.03 -11.04
CA GLY A 146 0.26 -22.08 -12.02
C GLY A 146 -0.74 -23.18 -11.79
N VAL A 147 -1.13 -23.88 -12.85
CA VAL A 147 -2.17 -24.90 -12.71
C VAL A 147 -1.77 -26.13 -13.49
N PRO A 148 -1.90 -27.31 -12.87
CA PRO A 148 -1.56 -28.59 -13.49
C PRO A 148 -2.66 -29.07 -14.43
N VAL A 149 -2.27 -29.82 -15.44
CA VAL A 149 -3.21 -30.28 -16.44
C VAL A 149 -3.05 -31.79 -16.55
N VAL A 150 -4.14 -32.51 -16.38
CA VAL A 150 -4.10 -33.96 -16.50
C VAL A 150 -4.95 -34.36 -17.70
N ASN A 151 -4.66 -35.54 -18.23
CA ASN A 151 -5.44 -36.09 -19.33
C ASN A 151 -6.95 -36.15 -19.03
N ASN A 152 -7.29 -36.68 -17.85
CA ASN A 152 -8.68 -36.84 -17.44
C ASN A 152 -8.82 -36.99 -15.93
N LEU A 153 -10.00 -36.70 -15.40
CA LEU A 153 -10.19 -36.73 -13.97
C LEU A 153 -9.98 -38.12 -13.38
N ASP A 154 -10.51 -39.14 -14.04
CA ASP A 154 -10.38 -40.50 -13.58
C ASP A 154 -8.91 -40.94 -13.53
N GLU A 155 -8.17 -40.60 -14.57
CA GLU A 155 -6.81 -41.10 -14.74
C GLU A 155 -5.84 -40.40 -13.80
N ARG A 156 -5.95 -39.07 -13.73
CA ARG A 156 -5.10 -38.28 -12.85
C ARG A 156 -3.70 -38.11 -13.42
N LYS A 157 -3.54 -38.48 -14.68
CA LYS A 157 -2.23 -38.44 -15.33
C LYS A 157 -1.96 -37.07 -15.95
N LEU A 158 -0.91 -36.40 -15.48
CA LEU A 158 -0.66 -35.02 -15.83
C LEU A 158 0.00 -34.91 -17.20
N VAL A 159 -0.51 -34.01 -18.03
CA VAL A 159 0.01 -33.81 -19.38
C VAL A 159 0.77 -32.48 -19.48
N GLY A 160 0.10 -31.39 -19.12
CA GLY A 160 0.70 -30.07 -19.21
C GLY A 160 0.31 -29.11 -18.10
N ILE A 161 1.11 -28.06 -17.93
CA ILE A 161 0.84 -27.05 -16.91
C ILE A 161 0.68 -25.65 -17.53
N ILE A 162 -0.39 -24.96 -17.14
CA ILE A 162 -0.65 -23.61 -17.60
C ILE A 162 -0.35 -22.64 -16.45
N THR A 163 0.32 -21.53 -16.75
CA THR A 163 0.79 -20.67 -15.67
C THR A 163 0.61 -19.20 -15.98
N ASN A 164 1.07 -18.36 -15.06
CA ASN A 164 0.98 -16.92 -15.23
C ASN A 164 1.76 -16.43 -16.44
N ARG A 165 2.92 -17.04 -16.70
CA ARG A 165 3.77 -16.67 -17.83
C ARG A 165 3.05 -16.94 -19.15
N ASP A 166 2.23 -17.98 -19.16
CA ASP A 166 1.47 -18.38 -20.33
C ASP A 166 0.28 -17.43 -20.60
N MET A 167 -0.35 -16.95 -19.52
CA MET A 167 -1.51 -16.07 -19.59
C MET A 167 -1.26 -14.77 -20.36
N ARG A 168 -0.06 -14.22 -20.21
CA ARG A 168 0.33 -12.96 -20.86
C ARG A 168 0.03 -12.92 -22.37
N PHE A 169 0.26 -14.06 -23.03
CA PHE A 169 0.17 -14.14 -24.48
C PHE A 169 -1.20 -14.58 -24.95
N ILE A 170 -2.07 -14.88 -23.98
CA ILE A 170 -3.42 -15.30 -24.28
C ILE A 170 -4.37 -14.11 -24.24
N GLN A 171 -4.94 -13.78 -25.38
CA GLN A 171 -5.88 -12.68 -25.45
C GLN A 171 -7.30 -13.10 -25.05
N ASP A 172 -7.74 -14.25 -25.54
CA ASP A 172 -9.10 -14.74 -25.28
C ASP A 172 -9.07 -15.92 -24.31
N TYR A 173 -9.80 -15.82 -23.20
CA TYR A 173 -9.81 -16.89 -22.20
C TYR A 173 -10.82 -17.99 -22.51
N SER A 174 -11.66 -17.77 -23.52
CA SER A 174 -12.66 -18.74 -23.95
C SER A 174 -12.04 -19.97 -24.62
N ILE A 175 -10.81 -19.82 -25.11
CA ILE A 175 -10.14 -20.92 -25.81
C ILE A 175 -9.68 -22.01 -24.85
N LYS A 176 -9.68 -23.24 -25.34
CA LYS A 176 -9.40 -24.41 -24.53
C LYS A 176 -7.91 -24.55 -24.19
N ILE A 177 -7.62 -25.31 -23.13
CA ILE A 177 -6.24 -25.58 -22.70
C ILE A 177 -5.41 -26.32 -23.77
N SER A 178 -6.11 -26.99 -24.69
CA SER A 178 -5.47 -27.72 -25.78
C SER A 178 -4.71 -26.80 -26.71
N ASP A 179 -5.31 -25.64 -26.99
CA ASP A 179 -4.83 -24.71 -28.01
C ASP A 179 -3.57 -24.01 -27.56
N VAL A 180 -3.69 -23.26 -26.45
CA VAL A 180 -2.61 -22.50 -25.86
C VAL A 180 -1.69 -23.39 -25.03
N MET A 181 -1.93 -24.69 -25.12
CA MET A 181 -1.11 -25.71 -24.46
C MET A 181 0.31 -25.26 -24.04
N LYS A 183 3.30 -30.09 -26.09
CA LYS A 183 4.16 -29.65 -25.00
C LYS A 183 5.60 -30.05 -25.23
N GLU A 184 6.37 -29.94 -24.15
CA GLU A 184 7.69 -30.54 -24.09
C GLU A 184 7.73 -31.34 -22.79
N GLN A 185 8.83 -32.04 -22.57
CA GLN A 185 9.01 -32.78 -21.33
C GLN A 185 9.08 -31.75 -20.23
N LEU A 186 8.63 -32.13 -19.05
CA LEU A 186 8.57 -31.20 -17.96
C LEU A 186 9.39 -31.77 -16.81
N ILE A 187 9.92 -30.91 -15.95
CA ILE A 187 10.71 -31.37 -14.81
C ILE A 187 9.78 -31.58 -13.60
N THR A 188 9.60 -32.85 -13.21
CA THR A 188 8.71 -33.21 -12.12
C THR A 188 9.43 -34.04 -11.06
N ALA A 189 8.92 -34.01 -9.84
CA ALA A 189 9.56 -34.68 -8.71
C ALA A 189 8.62 -35.59 -7.94
N PRO A 190 9.20 -36.58 -7.26
CA PRO A 190 8.45 -37.58 -6.50
C PRO A 190 7.77 -37.01 -5.26
N VAL A 191 6.65 -37.61 -4.87
CA VAL A 191 5.88 -37.16 -3.71
C VAL A 191 6.66 -37.29 -2.42
N GLY A 192 6.46 -36.33 -1.52
CA GLY A 192 7.20 -36.24 -0.28
C GLY A 192 8.52 -35.50 -0.45
N THR A 193 8.67 -34.89 -1.62
CA THR A 193 9.71 -33.90 -1.86
C THR A 193 9.50 -32.74 -0.90
N THR A 194 10.58 -32.23 -0.31
CA THR A 194 10.41 -31.14 0.65
C THR A 194 10.71 -29.81 0.01
N LEU A 195 10.52 -28.75 0.79
CA LEU A 195 10.70 -27.40 0.30
C LEU A 195 12.17 -27.17 0.03
N SER A 196 13.01 -27.58 0.98
CA SER A 196 14.44 -27.38 0.84
C SER A 196 15.01 -28.19 -0.32
N GLU A 197 14.37 -29.32 -0.61
CA GLU A 197 14.73 -30.11 -1.79
C GLU A 197 14.32 -29.37 -3.05
N ALA A 198 13.06 -28.91 -3.08
CA ALA A 198 12.51 -28.21 -4.24
C ALA A 198 13.24 -26.90 -4.52
N GLU A 199 13.71 -26.26 -3.47
CA GLU A 199 14.52 -25.05 -3.54
C GLU A 199 15.71 -25.21 -4.49
N LYS A 200 16.38 -26.36 -4.40
CA LYS A 200 17.58 -26.61 -5.20
C LYS A 200 17.23 -26.98 -6.62
N ILE A 201 16.21 -27.80 -6.77
CA ILE A 201 15.72 -28.20 -8.08
C ILE A 201 15.28 -26.99 -8.89
N LEU A 202 14.34 -26.23 -8.32
CA LEU A 202 13.85 -25.02 -8.96
C LEU A 202 15.00 -24.09 -9.31
N GLN A 203 16.01 -24.06 -8.43
CA GLN A 203 17.19 -23.26 -8.66
C GLN A 203 18.09 -23.86 -9.74
N LYS A 204 18.41 -25.15 -9.62
CA LYS A 204 19.28 -25.78 -10.60
C LYS A 204 18.74 -25.65 -12.02
N TYR A 205 17.43 -25.88 -12.18
CA TYR A 205 16.81 -25.92 -13.50
C TYR A 205 16.13 -24.63 -13.95
N LYS A 206 16.11 -23.63 -13.06
CA LYS A 206 15.42 -22.36 -13.31
C LYS A 206 13.90 -22.48 -13.59
N ILE A 207 13.19 -23.25 -12.77
CA ILE A 207 11.75 -23.33 -12.86
C ILE A 207 11.10 -22.72 -11.63
N GLU A 208 9.90 -22.17 -11.79
CA GLU A 208 9.13 -21.66 -10.65
C GLU A 208 8.00 -22.58 -10.21
N LYS A 209 7.81 -23.65 -10.96
CA LYS A 209 6.75 -24.62 -10.72
C LYS A 209 7.34 -26.01 -10.79
N LEU A 210 7.01 -26.83 -9.80
CA LEU A 210 7.53 -28.18 -9.70
C LEU A 210 6.41 -29.15 -9.36
N PRO A 211 5.76 -29.73 -10.37
CA PRO A 211 4.69 -30.68 -10.05
C PRO A 211 5.25 -31.95 -9.43
N LEU A 212 4.40 -32.68 -8.70
CA LEU A 212 4.83 -33.92 -8.05
C LEU A 212 3.94 -35.06 -8.54
N VAL A 213 4.57 -36.10 -9.10
CA VAL A 213 3.83 -37.30 -9.53
C VAL A 213 4.34 -38.58 -8.91
N ASP A 214 3.55 -39.65 -9.03
CA ASP A 214 4.00 -40.97 -8.59
C ASP A 214 4.88 -41.60 -9.66
N ASN A 215 5.22 -42.88 -9.47
CA ASN A 215 6.01 -43.61 -10.45
C ASN A 215 5.28 -43.73 -11.79
N ASN A 216 3.96 -43.66 -11.75
CA ASN A 216 3.14 -43.76 -12.95
C ASN A 216 2.91 -42.43 -13.64
N GLY A 217 3.43 -41.36 -13.04
CA GLY A 217 3.25 -40.03 -13.58
C GLY A 217 1.83 -39.52 -13.34
N VAL A 218 1.22 -40.01 -12.25
CA VAL A 218 -0.08 -39.50 -11.83
C VAL A 218 0.10 -38.33 -10.87
N LEU A 219 -0.63 -37.25 -11.11
CA LEU A 219 -0.45 -36.04 -10.33
C LEU A 219 -0.83 -36.22 -8.85
N GLN A 220 0.12 -35.87 -7.99
CA GLN A 220 0.03 -36.01 -6.55
C GLN A 220 0.03 -34.63 -5.87
N GLY A 221 1.01 -33.80 -6.20
CA GLY A 221 1.00 -32.42 -5.74
C GLY A 221 1.75 -31.40 -6.59
N LEU A 222 1.83 -30.17 -6.08
CA LEU A 222 2.51 -29.07 -6.77
C LEU A 222 3.27 -28.21 -5.79
N ILE A 223 4.51 -27.85 -6.14
CA ILE A 223 5.30 -26.89 -5.37
C ILE A 223 5.71 -25.69 -6.21
N THR A 224 5.64 -24.49 -5.65
CA THR A 224 5.96 -23.27 -6.38
C THR A 224 7.06 -22.55 -5.64
N ILE A 225 7.70 -21.58 -6.30
CA ILE A 225 8.73 -20.78 -5.64
C ILE A 225 8.14 -19.92 -4.53
N LYS A 226 6.86 -19.60 -4.66
CA LYS A 226 6.16 -18.82 -3.66
C LYS A 226 6.10 -19.59 -2.34
N ASP A 227 5.79 -20.88 -2.42
CA ASP A 227 5.83 -21.76 -1.24
C ASP A 227 7.22 -21.69 -0.58
N ILE A 228 8.24 -21.46 -1.41
CA ILE A 228 9.61 -21.30 -0.91
C ILE A 228 9.90 -19.92 -0.29
N GLU A 229 9.59 -18.84 -1.02
CA GLU A 229 10.06 -17.53 -0.59
C GLU A 229 9.27 -16.90 0.58
N LYS A 230 8.00 -17.30 0.73
CA LYS A 230 7.21 -16.87 1.89
C LYS A 230 7.77 -17.46 3.18
N VAL A 231 8.33 -18.67 3.10
CA VAL A 231 9.03 -19.24 4.24
C VAL A 231 10.20 -18.32 4.63
N ILE A 232 10.99 -17.91 3.64
CA ILE A 232 12.08 -16.98 3.85
C ILE A 232 11.57 -15.65 4.40
N GLU A 233 10.61 -15.07 3.69
CA GLU A 233 10.07 -13.75 4.05
C GLU A 233 9.34 -13.66 5.41
N PHE A 234 8.63 -14.72 5.81
CA PHE A 234 7.91 -14.73 7.09
C PHE A 234 8.31 -15.92 7.98
N PRO A 235 9.51 -15.86 8.55
CA PRO A 235 10.07 -16.96 9.34
C PRO A 235 9.31 -17.29 10.62
N ASN A 236 8.47 -16.39 11.10
CA ASN A 236 7.76 -16.61 12.36
C ASN A 236 6.38 -17.16 12.13
N SER A 237 6.08 -17.46 10.88
CA SER A 237 4.76 -17.90 10.49
C SER A 237 4.30 -19.05 11.38
N ALA A 238 3.02 -19.03 11.76
CA ALA A 238 2.41 -20.09 12.54
C ALA A 238 1.72 -21.01 11.55
N LYS A 239 2.10 -22.29 11.57
CA LYS A 239 1.67 -23.24 10.54
C LYS A 239 1.34 -24.59 11.15
N ASP A 240 0.47 -25.36 10.49
CA ASP A 240 0.24 -26.76 10.85
C ASP A 240 1.42 -27.67 10.45
N LYS A 241 1.29 -28.97 10.74
CA LYS A 241 2.35 -29.95 10.46
C LYS A 241 2.69 -30.03 8.97
N GLN A 242 1.68 -29.91 8.12
CA GLN A 242 1.86 -29.89 6.67
C GLN A 242 2.52 -28.60 6.19
N GLY A 243 2.70 -27.62 7.08
CA GLY A 243 3.31 -26.36 6.70
C GLY A 243 2.39 -25.29 6.11
N ARG A 244 1.09 -25.40 6.34
CA ARG A 244 0.15 -24.38 5.86
C ARG A 244 -0.25 -23.46 7.00
N LEU A 245 -0.48 -22.18 6.67
CA LEU A 245 -0.91 -21.20 7.66
C LEU A 245 -2.12 -21.63 8.48
N LEU A 246 -2.00 -21.53 9.81
CA LEU A 246 -3.12 -21.76 10.72
C LEU A 246 -4.26 -20.76 10.54
N VAL A 247 -5.49 -21.21 10.77
CA VAL A 247 -6.64 -20.34 10.68
C VAL A 247 -7.73 -20.80 11.64
N GLY A 248 -8.43 -19.84 12.24
CA GLY A 248 -9.62 -20.13 13.04
C GLY A 248 -10.89 -19.67 12.35
N ALA A 249 -12.04 -20.00 12.93
CA ALA A 249 -13.32 -19.52 12.41
C ALA A 249 -14.35 -19.42 13.53
N ALA A 250 -15.17 -18.37 13.50
CA ALA A 250 -16.21 -18.23 14.53
C ALA A 250 -17.51 -18.95 14.16
N VAL A 251 -18.11 -19.60 15.14
CA VAL A 251 -19.40 -20.24 14.95
C VAL A 251 -20.34 -19.81 16.08
N GLY A 252 -21.56 -19.42 15.75
CA GLY A 252 -22.56 -19.10 16.76
C GLY A 252 -23.15 -20.32 17.42
N VAL A 253 -24.00 -20.13 18.42
CA VAL A 253 -24.78 -21.23 18.95
C VAL A 253 -26.18 -21.10 18.38
N THR A 254 -26.49 -21.95 17.42
CA THR A 254 -27.72 -21.84 16.63
C THR A 254 -28.01 -23.21 16.09
N ALA A 255 -29.10 -23.32 15.33
CA ALA A 255 -29.44 -24.58 14.68
C ALA A 255 -28.43 -24.79 13.56
N ASP A 256 -27.85 -23.69 13.13
CA ASP A 256 -26.92 -23.66 12.02
C ASP A 256 -25.56 -24.26 12.41
N ALA A 257 -25.31 -24.39 13.71
CA ALA A 257 -23.96 -24.57 14.20
C ALA A 257 -23.21 -25.76 13.58
N MET A 258 -23.80 -26.95 13.66
CA MET A 258 -23.12 -28.16 13.18
C MET A 258 -22.77 -28.11 11.70
N THR A 259 -23.77 -27.77 10.89
CA THR A 259 -23.60 -27.68 9.44
C THR A 259 -22.42 -26.81 9.06
N ARG A 260 -22.33 -25.66 9.73
CA ARG A 260 -21.27 -24.70 9.50
C ARG A 260 -19.94 -25.32 9.89
N ILE A 261 -19.91 -25.99 11.04
CA ILE A 261 -18.68 -26.60 11.50
C ILE A 261 -18.22 -27.70 10.56
N ASP A 262 -19.17 -28.53 10.13
CA ASP A 262 -18.89 -29.61 9.21
C ASP A 262 -18.16 -29.05 8.00
N ALA A 263 -18.67 -27.95 7.46
CA ALA A 263 -18.07 -27.35 6.26
C ALA A 263 -16.66 -26.79 6.52
N LEU A 264 -16.45 -26.23 7.70
CA LEU A 264 -15.16 -25.63 8.04
C LEU A 264 -14.12 -26.72 8.26
N VAL A 265 -14.55 -27.81 8.87
CA VAL A 265 -13.67 -28.93 9.15
C VAL A 265 -13.19 -29.57 7.83
N LYS A 266 -14.08 -29.60 6.86
CA LYS A 266 -13.76 -30.04 5.50
C LYS A 266 -12.74 -29.07 4.97
N ALA A 267 -12.89 -27.81 5.41
CA ALA A 267 -11.96 -26.73 5.07
C ALA A 267 -10.57 -27.05 5.61
N SER A 268 -10.51 -27.68 6.77
CA SER A 268 -9.22 -27.98 7.40
C SER A 268 -8.76 -26.87 8.33
N VAL A 269 -9.66 -25.92 8.61
CA VAL A 269 -9.31 -24.82 9.51
C VAL A 269 -8.96 -25.39 10.88
N ASP A 270 -7.91 -24.82 11.48
CA ASP A 270 -7.35 -25.35 12.72
C ASP A 270 -8.26 -25.32 13.94
N ALA A 271 -9.03 -24.25 14.12
CA ALA A 271 -9.82 -24.10 15.32
C ALA A 271 -11.18 -23.48 15.02
N ILE A 272 -12.18 -23.86 15.81
CA ILE A 272 -13.46 -23.16 15.76
C ILE A 272 -13.68 -22.45 17.09
N VAL A 273 -14.16 -21.22 16.98
CA VAL A 273 -14.44 -20.40 18.13
C VAL A 273 -15.95 -20.34 18.29
N LEU A 274 -16.46 -20.90 19.39
CA LEU A 274 -17.89 -20.81 19.63
C LEU A 274 -18.10 -19.54 20.41
N ASP A 275 -18.60 -18.52 19.73
CA ASP A 275 -18.65 -17.17 20.26
C ASP A 275 -20.07 -16.75 20.60
N THR A 276 -20.32 -16.59 21.89
CA THR A 276 -21.62 -16.13 22.32
C THR A 276 -21.42 -15.07 23.40
N ALA A 277 -22.49 -14.36 23.74
CA ALA A 277 -22.41 -13.27 24.69
C ALA A 277 -22.29 -13.76 26.13
N HIS A 278 -23.11 -14.74 26.50
CA HIS A 278 -22.99 -15.37 27.81
C HIS A 278 -22.61 -16.83 27.63
N GLY A 279 -21.34 -17.13 27.88
CA GLY A 279 -20.85 -18.48 27.65
C GLY A 279 -21.21 -19.42 28.78
N HIS A 280 -21.70 -18.86 29.89
CA HIS A 280 -22.10 -19.67 31.02
C HIS A 280 -23.58 -20.12 30.92
N SER A 281 -24.21 -19.84 29.78
CA SER A 281 -25.55 -20.36 29.56
C SER A 281 -25.53 -21.86 29.28
N GLN A 282 -26.67 -22.53 29.48
CA GLN A 282 -26.74 -23.98 29.30
C GLN A 282 -26.69 -24.39 27.84
N GLY A 283 -27.23 -23.55 26.95
CA GLY A 283 -27.28 -23.85 25.54
C GLY A 283 -25.91 -23.96 24.91
N VAL A 284 -24.97 -23.23 25.49
CA VAL A 284 -23.58 -23.20 25.04
C VAL A 284 -22.75 -24.39 25.52
N ILE A 285 -22.97 -24.80 26.77
CA ILE A 285 -22.36 -26.01 27.32
C ILE A 285 -22.81 -27.23 26.53
N ASP A 286 -24.09 -27.26 26.19
CA ASP A 286 -24.68 -28.33 25.41
C ASP A 286 -23.99 -28.48 24.06
N LYS A 287 -23.84 -27.37 23.36
CA LYS A 287 -23.31 -27.37 22.01
C LYS A 287 -21.84 -27.82 22.01
N VAL A 288 -21.06 -27.35 22.98
CA VAL A 288 -19.69 -27.82 23.18
C VAL A 288 -19.62 -29.33 23.35
N LYS A 289 -20.43 -29.86 24.27
CA LYS A 289 -20.52 -31.29 24.47
C LYS A 289 -20.79 -32.04 23.17
N GLU A 290 -21.66 -31.46 22.35
CA GLU A 290 -22.10 -32.05 21.10
C GLU A 290 -21.01 -32.05 20.03
N VAL A 291 -20.29 -30.94 19.91
CA VAL A 291 -19.20 -30.82 18.96
C VAL A 291 -17.98 -31.66 19.36
N ARG A 292 -17.65 -31.70 20.64
CA ARG A 292 -16.53 -32.53 21.11
C ARG A 292 -16.82 -34.01 20.80
N ALA A 293 -18.08 -34.40 20.93
CA ALA A 293 -18.46 -35.77 20.66
C ALA A 293 -18.22 -36.13 19.19
N LYS A 294 -18.59 -35.21 18.28
CA LYS A 294 -18.49 -35.48 16.85
C LYS A 294 -17.08 -35.26 16.29
N TYR A 295 -16.28 -34.45 16.97
CA TYR A 295 -14.93 -34.11 16.53
C TYR A 295 -13.93 -34.14 17.70
N PRO A 296 -13.55 -35.35 18.14
CA PRO A 296 -12.72 -35.55 19.34
C PRO A 296 -11.36 -34.87 19.29
N SER A 297 -10.84 -34.62 18.10
CA SER A 297 -9.54 -33.94 17.99
C SER A 297 -9.59 -32.45 17.62
N LEU A 298 -10.80 -31.92 17.41
CA LEU A 298 -10.92 -30.54 16.95
C LEU A 298 -10.59 -29.53 18.05
N ASN A 299 -9.92 -28.44 17.67
CA ASN A 299 -9.67 -27.34 18.60
C ASN A 299 -10.95 -26.55 18.73
N ILE A 300 -11.46 -26.53 19.96
CA ILE A 300 -12.68 -25.80 20.29
C ILE A 300 -12.37 -24.69 21.27
N ILE A 301 -12.45 -23.46 20.78
CA ILE A 301 -12.34 -22.29 21.62
C ILE A 301 -13.72 -21.81 21.99
N ALA A 302 -14.03 -21.83 23.29
CA ALA A 302 -15.38 -21.46 23.74
C ALA A 302 -15.33 -20.23 24.65
N GLY A 303 -16.34 -19.38 24.53
CA GLY A 303 -16.44 -18.19 25.37
C GLY A 303 -17.78 -17.53 25.13
N ASN A 304 -18.04 -16.37 25.74
CA ASN A 304 -17.11 -15.71 26.65
C ASN A 304 -17.55 -15.83 28.09
N VAL A 305 -16.57 -16.02 28.98
CA VAL A 305 -16.82 -16.19 30.41
C VAL A 305 -15.99 -15.21 31.24
N ALA A 306 -16.53 -14.82 32.38
CA ALA A 306 -15.80 -14.05 33.38
C ALA A 306 -15.52 -14.72 34.76
N THR A 307 -15.91 -15.97 34.94
CA THR A 307 -15.80 -16.58 36.26
C THR A 307 -15.13 -17.93 36.20
N ALA A 308 -14.69 -18.40 37.36
CA ALA A 308 -14.01 -19.68 37.45
C ALA A 308 -15.01 -20.82 37.25
N GLU A 309 -16.22 -20.64 37.78
CA GLU A 309 -17.28 -21.63 37.66
C GLU A 309 -17.69 -21.81 36.22
N ALA A 310 -17.79 -20.69 35.51
CA ALA A 310 -18.12 -20.74 34.10
C ALA A 310 -16.99 -21.45 33.35
N THR A 311 -15.76 -21.09 33.72
CA THR A 311 -14.58 -21.67 33.09
C THR A 311 -14.53 -23.19 33.25
N LYS A 312 -14.77 -23.66 34.47
CA LYS A 312 -14.84 -25.08 34.77
C LYS A 312 -15.92 -25.79 33.93
N ALA A 313 -17.07 -25.15 33.77
CA ALA A 313 -18.15 -25.81 33.04
C ALA A 313 -17.81 -25.98 31.56
N LEU A 314 -17.15 -24.98 30.97
CA LEU A 314 -16.78 -25.08 29.54
C LEU A 314 -15.72 -26.14 29.27
N ILE A 315 -14.81 -26.32 30.23
CA ILE A 315 -13.72 -27.30 30.11
C ILE A 315 -14.26 -28.73 30.25
N GLU A 316 -15.14 -28.92 31.22
CA GLU A 316 -15.76 -30.23 31.40
C GLU A 316 -16.75 -30.54 30.29
N ALA A 317 -17.17 -29.52 29.56
CA ALA A 317 -18.01 -29.73 28.41
C ALA A 317 -17.16 -30.15 27.21
N GLY A 318 -15.85 -29.99 27.33
CA GLY A 318 -14.90 -30.30 26.27
C GLY A 318 -14.15 -29.17 25.57
N ALA A 319 -14.36 -27.92 25.99
CA ALA A 319 -13.60 -26.83 25.40
C ALA A 319 -12.13 -27.07 25.68
N ASN A 320 -11.28 -26.99 24.66
CA ASN A 320 -9.83 -27.10 24.92
C ASN A 320 -9.12 -25.75 25.00
N VAL A 321 -9.85 -24.69 24.73
CA VAL A 321 -9.44 -23.33 25.08
C VAL A 321 -10.65 -22.52 25.52
N VAL A 322 -10.43 -21.65 26.49
CA VAL A 322 -11.48 -20.80 27.03
C VAL A 322 -11.21 -19.33 26.69
N LYS A 323 -12.23 -18.64 26.17
CA LYS A 323 -12.05 -17.22 25.89
C LYS A 323 -12.77 -16.36 26.92
N VAL A 324 -12.09 -15.29 27.35
CA VAL A 324 -12.45 -14.55 28.55
C VAL A 324 -12.72 -13.06 28.36
N GLY A 325 -13.73 -12.63 29.12
CA GLY A 325 -14.15 -11.28 29.31
C GLY A 325 -15.51 -10.95 28.77
N ILE A 326 -16.23 -10.27 29.65
CA ILE A 326 -17.61 -9.90 29.46
C ILE A 326 -17.73 -8.49 29.98
N GLY A 327 -18.04 -7.56 29.07
CA GLY A 327 -17.99 -6.14 29.31
C GLY A 327 -16.75 -5.35 28.87
N PRO A 328 -15.57 -5.99 28.78
CA PRO A 328 -14.39 -5.13 28.60
C PRO A 328 -14.19 -4.53 27.18
N GLY A 329 -14.87 -5.08 26.16
CA GLY A 329 -14.70 -4.62 24.79
C GLY A 329 -14.86 -3.12 24.59
N SER A 330 -14.05 -2.54 23.70
CA SER A 330 -14.02 -1.09 23.52
C SER A 330 -15.25 -0.51 22.81
N ILE A 331 -15.99 -1.37 22.11
CA ILE A 331 -17.31 -0.98 21.63
C ILE A 331 -18.45 -1.56 22.47
N CYS A 332 -18.10 -2.35 23.47
CA CYS A 332 -19.10 -3.09 24.24
C CYS A 332 -19.92 -2.22 25.20
N THR A 333 -21.23 -2.27 25.01
CA THR A 333 -22.21 -1.51 25.76
C THR A 333 -22.86 -2.33 26.88
N THR A 334 -22.44 -3.59 27.01
CA THR A 334 -22.95 -4.52 28.01
C THR A 334 -23.00 -3.94 29.44
N ARG A 335 -21.90 -3.35 29.87
CA ARG A 335 -21.84 -2.66 31.17
C ARG A 335 -22.95 -1.62 31.35
N VAL A 336 -23.08 -0.72 30.40
CA VAL A 336 -24.01 0.40 30.49
C VAL A 336 -25.48 -0.02 30.33
N VAL A 337 -25.74 -0.89 29.37
CA VAL A 337 -27.10 -1.30 29.02
C VAL A 337 -27.65 -2.40 29.95
N ALA A 338 -26.82 -3.40 30.24
CA ALA A 338 -27.25 -4.46 31.15
C ALA A 338 -26.73 -4.36 32.58
N GLY A 339 -25.83 -3.42 32.86
CA GLY A 339 -25.22 -3.34 34.18
C GLY A 339 -24.22 -4.45 34.49
N VAL A 340 -23.94 -5.28 33.48
CA VAL A 340 -23.19 -6.52 33.70
C VAL A 340 -21.71 -6.46 33.24
N GLY A 341 -20.84 -7.16 33.97
CA GLY A 341 -19.44 -7.29 33.58
C GLY A 341 -18.48 -7.65 34.70
N VAL A 342 -17.23 -7.95 34.34
CA VAL A 342 -16.17 -8.11 35.33
C VAL A 342 -14.91 -7.38 34.85
N PRO A 343 -14.23 -6.62 35.75
CA PRO A 343 -12.98 -5.92 35.41
C PRO A 343 -11.97 -6.93 34.86
N GLN A 344 -11.39 -6.60 33.72
CA GLN A 344 -10.82 -7.63 32.89
C GLN A 344 -9.69 -8.43 33.54
N LEU A 345 -8.83 -7.78 34.33
CA LEU A 345 -7.69 -8.50 34.91
C LEU A 345 -8.13 -9.51 35.95
N THR A 346 -9.08 -9.12 36.76
CA THR A 346 -9.67 -10.05 37.70
C THR A 346 -10.35 -11.21 36.99
N ALA A 347 -11.04 -10.89 35.89
CA ALA A 347 -11.68 -11.90 35.06
C ALA A 347 -10.65 -12.93 34.59
N VAL A 348 -9.60 -12.43 33.94
CA VAL A 348 -8.54 -13.29 33.43
C VAL A 348 -7.88 -14.08 34.55
N TYR A 349 -7.62 -13.41 35.66
CA TYR A 349 -7.00 -14.05 36.80
C TYR A 349 -7.87 -15.18 37.38
N ASP A 350 -9.17 -14.93 37.58
CA ASP A 350 -10.09 -15.93 38.16
C ASP A 350 -10.30 -17.12 37.24
N CYS A 351 -10.41 -16.83 35.95
CA CYS A 351 -10.49 -17.87 34.94
C CYS A 351 -9.19 -18.68 34.84
N ALA A 352 -8.06 -17.98 34.74
CA ALA A 352 -6.77 -18.66 34.65
C ALA A 352 -6.50 -19.50 35.89
N THR A 353 -7.02 -19.08 37.04
CA THR A 353 -6.81 -19.82 38.27
C THR A 353 -7.50 -21.19 38.18
N GLU A 354 -8.67 -21.23 37.54
CA GLU A 354 -9.42 -22.48 37.38
C GLU A 354 -8.84 -23.35 36.25
N ALA A 355 -8.51 -22.70 35.13
CA ALA A 355 -8.07 -23.38 33.91
C ALA A 355 -6.72 -24.07 34.15
N ARG A 356 -5.88 -23.40 34.92
CA ARG A 356 -4.59 -23.94 35.35
C ARG A 356 -4.71 -25.36 35.91
N LYS A 357 -5.77 -25.64 36.65
CA LYS A 357 -5.87 -26.97 37.24
C LYS A 357 -6.17 -28.04 36.19
N HIS A 358 -6.59 -27.63 35.01
CA HIS A 358 -6.88 -28.54 33.92
C HIS A 358 -5.80 -28.59 32.83
N GLY A 359 -4.73 -27.84 33.04
CA GLY A 359 -3.75 -27.61 31.98
C GLY A 359 -4.37 -26.90 30.78
N ILE A 360 -5.36 -26.04 31.05
CA ILE A 360 -6.12 -25.38 29.97
C ILE A 360 -5.75 -23.89 29.79
N PRO A 361 -5.46 -23.49 28.55
CA PRO A 361 -5.11 -22.09 28.29
C PRO A 361 -6.35 -21.19 28.18
N VAL A 362 -6.21 -19.94 28.63
CA VAL A 362 -7.24 -18.95 28.37
C VAL A 362 -6.79 -17.83 27.44
N ILE A 363 -7.76 -17.30 26.69
CA ILE A 363 -7.58 -16.13 25.86
C ILE A 363 -8.16 -14.87 26.52
N ALA A 364 -7.38 -13.78 26.53
CA ALA A 364 -7.88 -12.52 27.06
C ALA A 364 -8.51 -11.67 25.95
N ASP A 365 -9.81 -11.51 26.06
CA ASP A 365 -10.58 -10.93 24.98
C ASP A 365 -11.24 -9.59 25.34
N GLY A 366 -10.69 -8.51 24.80
CA GLY A 366 -11.25 -7.20 25.04
C GLY A 366 -10.54 -6.34 26.07
N GLY A 367 -10.62 -5.04 25.86
CA GLY A 367 -10.14 -4.09 26.84
C GLY A 367 -8.73 -3.58 26.62
N ILE A 368 -7.99 -4.14 25.66
CA ILE A 368 -6.57 -3.82 25.55
C ILE A 368 -6.36 -2.63 24.65
N LYS A 369 -5.98 -1.52 25.27
CA LYS A 369 -5.64 -0.26 24.59
C LYS A 369 -4.16 -0.10 24.16
N TYR A 370 -3.24 -0.54 25.01
CA TYR A 370 -1.80 -0.37 24.79
C TYR A 370 -1.07 -1.69 24.90
N SER A 371 0.20 -1.71 24.47
CA SER A 371 1.01 -2.93 24.57
C SER A 371 1.20 -3.36 26.04
N GLY A 372 1.28 -2.37 26.93
CA GLY A 372 1.38 -2.64 28.36
C GLY A 372 0.20 -3.38 28.93
N ASP A 373 -0.99 -3.14 28.37
CA ASP A 373 -2.20 -3.85 28.79
C ASP A 373 -2.06 -5.30 28.43
N MET A 374 -1.57 -5.55 27.21
CA MET A 374 -1.35 -6.92 26.79
C MET A 374 -0.40 -7.67 27.73
N VAL A 375 0.70 -7.01 28.09
CA VAL A 375 1.67 -7.63 28.98
C VAL A 375 1.02 -7.97 30.31
N LYS A 376 0.17 -7.08 30.78
CA LYS A 376 -0.53 -7.32 32.04
C LYS A 376 -1.52 -8.46 31.89
N ALA A 377 -2.15 -8.57 30.72
CA ALA A 377 -3.15 -9.62 30.52
C ALA A 377 -2.48 -10.99 30.55
N LEU A 378 -1.28 -11.04 29.99
CA LEU A 378 -0.54 -12.27 29.92
C LEU A 378 0.06 -12.61 31.28
N ALA A 379 0.34 -11.59 32.08
CA ALA A 379 0.90 -11.81 33.42
C ALA A 379 -0.19 -12.11 34.45
N ALA A 380 -1.44 -11.86 34.10
CA ALA A 380 -2.55 -12.22 34.98
C ALA A 380 -3.01 -13.64 34.70
N GLY A 381 -2.31 -14.33 33.81
CA GLY A 381 -2.61 -15.72 33.51
C GLY A 381 -3.08 -16.10 32.12
N ALA A 382 -3.33 -15.15 31.24
CA ALA A 382 -3.79 -15.48 29.89
C ALA A 382 -2.64 -15.99 29.02
N HIS A 383 -2.92 -16.98 28.17
CA HIS A 383 -1.92 -17.55 27.24
C HIS A 383 -1.77 -16.65 26.02
N VAL A 384 -2.90 -16.15 25.54
CA VAL A 384 -2.92 -15.35 24.33
C VAL A 384 -3.89 -14.21 24.64
N VAL A 385 -3.77 -13.09 23.92
CA VAL A 385 -4.80 -12.05 23.94
C VAL A 385 -5.46 -11.89 22.58
N MET A 386 -6.70 -11.44 22.60
CA MET A 386 -7.44 -11.23 21.36
C MET A 386 -7.80 -9.74 21.22
N LEU A 387 -7.57 -9.20 20.04
CA LEU A 387 -7.71 -7.76 19.81
C LEU A 387 -8.66 -7.49 18.65
N GLY A 388 -9.74 -6.77 18.89
CA GLY A 388 -10.49 -6.23 17.77
C GLY A 388 -10.03 -4.86 17.27
N SER A 389 -10.02 -3.89 18.17
CA SER A 389 -10.01 -2.50 17.75
C SER A 389 -8.62 -2.06 17.34
N MET A 390 -7.61 -2.65 17.94
CA MET A 390 -6.25 -2.27 17.62
C MET A 390 -5.92 -2.66 16.19
N PHE A 391 -6.66 -3.64 15.68
CA PHE A 391 -6.44 -4.12 14.31
C PHE A 391 -7.40 -3.55 13.28
N ALA A 392 -8.43 -2.84 13.73
CA ALA A 392 -9.54 -2.40 12.88
C ALA A 392 -9.18 -1.48 11.69
N GLY A 393 -8.17 -0.65 11.83
CA GLY A 393 -7.75 0.23 10.75
C GLY A 393 -6.52 -0.25 10.00
N VAL A 394 -6.04 -1.42 10.34
CA VAL A 394 -4.89 -2.02 9.68
C VAL A 394 -5.28 -2.28 8.22
N ALA A 395 -4.30 -2.29 7.33
CA ALA A 395 -4.57 -2.39 5.88
C ALA A 395 -5.29 -3.68 5.48
N GLU A 396 -4.97 -4.76 6.19
CA GLU A 396 -5.43 -6.10 5.83
C GLU A 396 -6.87 -6.38 6.26
N SER A 397 -7.41 -5.53 7.14
CA SER A 397 -8.79 -5.66 7.60
C SER A 397 -9.80 -5.33 6.48
N PRO A 398 -10.99 -5.96 6.55
CA PRO A 398 -12.06 -5.99 5.53
C PRO A 398 -12.47 -4.66 4.93
N GLY A 399 -12.49 -3.61 5.72
CA GLY A 399 -13.01 -2.35 5.23
C GLY A 399 -12.19 -1.82 4.08
N GLU A 400 -12.69 -0.76 3.46
CA GLU A 400 -11.80 0.02 2.63
C GLU A 400 -11.29 1.17 3.50
N ARG A 407 -7.73 12.70 5.75
CA ARG A 407 -6.86 11.52 5.67
C ARG A 407 -7.58 10.25 5.26
N GLN A 408 -6.89 9.12 5.40
CA GLN A 408 -7.48 7.80 5.21
C GLN A 408 -8.39 7.45 6.38
N PHE A 409 -9.42 6.66 6.11
CA PHE A 409 -10.33 6.20 7.16
C PHE A 409 -10.85 4.76 6.92
N LYS A 410 -11.18 4.06 8.02
CA LYS A 410 -11.75 2.70 8.06
C LYS A 410 -12.73 2.43 9.25
N VAL A 411 -13.92 1.84 9.03
CA VAL A 411 -14.89 1.62 10.14
C VAL A 411 -14.63 0.44 11.12
N TYR A 412 -15.21 0.55 12.33
CA TYR A 412 -15.17 -0.52 13.35
C TYR A 412 -16.53 -0.65 14.08
N ARG A 413 -17.15 -1.83 14.01
CA ARG A 413 -18.46 -2.10 14.63
C ARG A 413 -18.46 -3.42 15.39
N GLY A 414 -19.44 -3.61 16.27
CA GLY A 414 -19.61 -4.86 16.99
C GLY A 414 -20.85 -5.64 16.57
N GLU A 443 -21.04 0.63 16.26
CA GLU A 443 -20.59 1.54 15.22
C GLU A 443 -19.51 2.52 15.69
N GLY A 444 -18.47 2.74 14.88
CA GLY A 444 -17.39 3.63 15.26
C GLY A 444 -16.23 3.76 14.28
N ARG A 445 -15.20 4.49 14.68
CA ARG A 445 -14.06 4.77 13.80
C ARG A 445 -12.71 4.68 14.52
N VAL A 446 -11.67 4.39 13.74
CA VAL A 446 -10.28 4.35 14.23
C VAL A 446 -9.26 4.67 13.12
N PRO A 447 -8.21 5.46 13.40
CA PRO A 447 -7.31 5.85 12.28
C PRO A 447 -6.80 4.69 11.41
N TYR A 448 -6.47 4.96 10.15
CA TYR A 448 -5.91 3.93 9.28
C TYR A 448 -4.45 3.64 9.72
N LYS A 449 -4.18 2.41 10.15
CA LYS A 449 -2.91 2.09 10.81
C LYS A 449 -1.77 1.57 9.93
N GLY A 450 -2.01 1.41 8.63
CA GLY A 450 -1.03 0.80 7.76
C GLY A 450 -1.09 -0.72 7.83
N PRO A 451 -0.05 -1.38 7.35
CA PRO A 451 -0.04 -2.85 7.37
C PRO A 451 0.03 -3.42 8.77
N LEU A 452 -0.63 -4.57 8.98
CA LEU A 452 -0.66 -5.27 10.25
C LEU A 452 0.71 -5.38 10.91
N ALA A 453 1.72 -5.70 10.11
CA ALA A 453 3.06 -5.99 10.61
C ALA A 453 3.67 -4.92 11.52
N ASP A 454 3.29 -3.66 11.30
CA ASP A 454 3.86 -2.57 12.06
C ASP A 454 3.25 -2.48 13.44
N THR A 455 2.00 -2.92 13.56
CA THR A 455 1.29 -2.83 14.82
C THR A 455 1.76 -3.96 15.69
N VAL A 456 2.01 -5.10 15.05
CA VAL A 456 2.45 -6.29 15.75
C VAL A 456 3.84 -6.07 16.35
N HIS A 457 4.69 -5.44 15.57
CA HIS A 457 6.07 -5.23 15.96
C HIS A 457 6.17 -4.40 17.24
N GLN A 458 5.43 -3.29 17.30
CA GLN A 458 5.37 -2.51 18.54
C GLN A 458 4.70 -3.29 19.70
N LEU A 459 3.71 -4.13 19.39
CA LEU A 459 3.09 -4.94 20.43
C LEU A 459 4.11 -5.91 20.98
N VAL A 460 4.81 -6.59 20.09
CA VAL A 460 5.73 -7.63 20.50
C VAL A 460 6.95 -7.02 21.17
N GLY A 461 7.29 -5.81 20.75
CA GLY A 461 8.41 -5.08 21.34
C GLY A 461 8.10 -4.63 22.76
N GLY A 462 6.85 -4.23 22.99
CA GLY A 462 6.39 -3.91 24.32
C GLY A 462 6.40 -5.15 25.19
N LEU A 463 5.99 -6.27 24.60
CA LEU A 463 5.96 -7.52 25.34
C LEU A 463 7.35 -8.00 25.76
N ARG A 464 8.36 -7.80 24.93
CA ARG A 464 9.68 -8.27 25.27
C ARG A 464 10.33 -7.39 26.32
N ALA A 465 10.07 -6.08 26.27
CA ALA A 465 10.57 -5.16 27.27
C ALA A 465 10.00 -5.53 28.64
N GLY A 466 8.68 -5.70 28.69
CA GLY A 466 7.98 -6.12 29.88
C GLY A 466 8.50 -7.42 30.44
N MET A 467 8.70 -8.39 29.56
CA MET A 467 9.30 -9.66 29.95
C MET A 467 10.70 -9.47 30.49
N GLY A 468 11.42 -8.48 29.96
CA GLY A 468 12.76 -8.21 30.42
C GLY A 468 12.77 -7.72 31.86
N TYR A 469 11.91 -6.73 32.16
CA TYR A 469 11.75 -6.16 33.51
C TYR A 469 11.35 -7.17 34.55
N CYS A 470 10.55 -8.15 34.12
CA CYS A 470 10.06 -9.18 35.03
C CYS A 470 10.99 -10.38 35.15
N GLY A 471 12.07 -10.39 34.35
CA GLY A 471 13.00 -11.51 34.28
C GLY A 471 12.44 -12.81 33.69
N ALA A 472 11.58 -12.69 32.68
CA ALA A 472 10.88 -13.84 32.13
C ALA A 472 11.49 -14.33 30.82
N GLN A 473 12.08 -15.52 30.83
CA GLN A 473 12.59 -16.10 29.59
C GLN A 473 11.46 -16.47 28.63
N ASP A 474 10.31 -16.86 29.17
CA ASP A 474 9.17 -17.23 28.34
C ASP A 474 7.84 -16.90 29.02
N LEU A 475 6.75 -17.09 28.29
CA LEU A 475 5.44 -16.69 28.77
C LEU A 475 5.00 -17.53 29.96
N GLU A 476 5.36 -18.81 29.98
CA GLU A 476 5.03 -19.62 31.14
C GLU A 476 5.59 -19.01 32.43
N PHE A 477 6.86 -18.63 32.42
CA PHE A 477 7.47 -18.00 33.57
C PHE A 477 6.68 -16.77 33.98
N LEU A 478 6.26 -15.99 32.99
CA LEU A 478 5.55 -14.75 33.23
C LEU A 478 4.24 -14.98 33.95
N ARG A 479 3.39 -15.83 33.35
CA ARG A 479 2.12 -16.18 33.93
C ARG A 479 2.33 -16.58 35.37
N GLU A 480 3.31 -17.44 35.58
CA GLU A 480 3.50 -18.10 36.86
C GLU A 480 4.16 -17.24 37.93
N ASN A 481 5.19 -16.48 37.55
CA ASN A 481 5.93 -15.68 38.51
C ASN A 481 5.67 -14.18 38.65
N ALA A 482 4.98 -13.57 37.68
CA ALA A 482 4.92 -12.11 37.68
C ALA A 482 4.01 -11.54 38.77
N GLN A 483 4.45 -10.47 39.42
CA GLN A 483 3.70 -9.88 40.52
C GLN A 483 3.22 -8.48 40.14
N PHE A 484 2.06 -8.08 40.65
CA PHE A 484 1.59 -6.74 40.34
C PHE A 484 1.66 -5.86 41.56
N ILE A 485 1.39 -4.59 41.35
CA ILE A 485 1.22 -3.65 42.45
C ILE A 485 0.03 -2.80 42.08
N ARG A 486 -0.90 -2.68 43.02
CA ARG A 486 -2.10 -1.89 42.78
C ARG A 486 -1.83 -0.41 43.06
N MET A 487 -2.47 0.45 42.29
CA MET A 487 -2.26 1.89 42.44
C MET A 487 -3.58 2.61 42.37
N SER A 488 -3.61 3.84 42.87
CA SER A 488 -4.82 4.66 42.82
C SER A 488 -4.99 5.33 41.45
N GLY A 489 -6.08 6.08 41.28
CA GLY A 489 -6.28 6.86 40.08
C GLY A 489 -5.15 7.84 39.89
N ALA A 490 -4.73 8.47 40.98
CA ALA A 490 -3.60 9.39 40.96
C ALA A 490 -2.32 8.64 40.66
N GLY A 491 -2.30 7.35 40.97
CA GLY A 491 -1.15 6.50 40.68
C GLY A 491 -1.04 6.29 39.18
N LEU A 492 -2.20 6.21 38.53
CA LEU A 492 -2.30 6.05 37.08
C LEU A 492 -2.03 7.35 36.31
N LEU A 493 -2.16 8.50 36.98
CA LEU A 493 -1.98 9.77 36.27
C LEU A 493 -0.52 10.01 35.86
N GLU A 494 0.42 9.57 36.70
CA GLU A 494 1.81 9.70 36.37
C GLU A 494 2.17 8.69 35.28
N SER A 495 1.65 7.47 35.40
CA SER A 495 2.00 6.35 34.52
C SER A 495 2.01 6.76 33.04
N HIS A 496 0.99 7.52 32.65
CA HIS A 496 0.97 8.18 31.34
C HIS A 496 1.62 9.54 31.46
N PRO A 497 2.64 9.81 30.64
CA PRO A 497 3.00 11.23 30.64
C PRO A 497 3.36 11.70 29.24
N THR B 15 5.23 77.28 -17.48
CA THR B 15 6.29 76.80 -16.60
C THR B 15 6.80 75.39 -16.96
N GLU B 16 8.05 75.11 -16.60
CA GLU B 16 8.73 73.88 -16.97
C GLU B 16 8.38 72.70 -16.07
N ASN B 17 7.80 72.98 -14.91
CA ASN B 17 7.40 71.94 -13.98
C ASN B 17 6.29 71.07 -14.55
N LEU B 18 5.44 71.71 -15.34
CA LEU B 18 4.30 71.07 -15.95
C LEU B 18 4.66 70.24 -17.19
N TYR B 19 5.89 70.39 -17.67
CA TYR B 19 6.38 69.59 -18.79
C TYR B 19 6.49 68.14 -18.36
N PHE B 20 6.73 67.92 -17.08
CA PHE B 20 6.90 66.58 -16.56
C PHE B 20 5.84 66.25 -15.51
N GLN B 21 5.51 64.96 -15.40
CA GLN B 21 4.55 64.51 -14.39
C GLN B 21 5.22 64.45 -13.03
N SER B 22 4.52 64.87 -11.98
CA SER B 22 5.06 64.80 -10.62
C SER B 22 4.26 63.86 -9.71
N ASN B 23 4.95 63.28 -8.73
CA ASN B 23 4.33 62.43 -7.72
C ASN B 23 3.55 61.25 -8.29
N ALA B 24 4.02 60.73 -9.41
CA ALA B 24 3.38 59.56 -10.02
C ALA B 24 3.31 58.38 -9.04
N MET B 25 4.47 57.94 -8.55
CA MET B 25 4.60 56.74 -7.72
C MET B 25 3.92 56.90 -6.38
N TRP B 26 3.95 58.12 -5.87
CA TRP B 26 3.40 58.39 -4.55
C TRP B 26 1.88 58.18 -4.51
N GLU B 27 1.22 58.62 -5.55
CA GLU B 27 -0.24 58.65 -5.57
C GLU B 27 -0.85 57.30 -5.93
N SER B 28 -0.07 56.45 -6.56
CA SER B 28 -0.57 55.16 -7.00
C SER B 28 -0.33 54.02 -6.02
N LYS B 29 0.28 54.30 -4.86
CA LYS B 29 0.65 53.24 -3.92
C LYS B 29 -0.50 52.29 -3.66
N PHE B 30 -1.66 52.87 -3.43
CA PHE B 30 -2.85 52.14 -3.02
C PHE B 30 -3.86 51.77 -4.12
N VAL B 31 -3.47 51.96 -5.35
CA VAL B 31 -4.39 51.81 -6.46
C VAL B 31 -4.78 50.36 -6.80
N LYS B 32 -3.81 49.44 -6.85
CA LYS B 32 -4.11 48.05 -7.18
C LYS B 32 -4.99 47.29 -6.17
N GLU B 33 -5.86 46.43 -6.71
CA GLU B 33 -6.71 45.52 -5.96
C GLU B 33 -6.40 44.12 -6.44
N GLY B 34 -6.46 43.13 -5.56
CA GLY B 34 -6.25 41.77 -6.01
C GLY B 34 -7.10 40.71 -5.31
N LEU B 35 -7.30 39.61 -6.04
CA LEU B 35 -8.24 38.55 -5.69
C LEU B 35 -7.54 37.25 -5.40
N THR B 36 -8.03 36.53 -4.40
CA THR B 36 -7.55 35.20 -4.17
C THR B 36 -8.68 34.20 -4.50
N PHE B 37 -8.38 32.91 -4.40
CA PHE B 37 -9.33 31.83 -4.73
C PHE B 37 -10.69 31.98 -4.07
N ASP B 38 -10.66 32.27 -2.78
CA ASP B 38 -11.87 32.38 -1.97
C ASP B 38 -12.77 33.59 -2.28
N ASP B 39 -12.30 34.52 -3.10
CA ASP B 39 -13.07 35.71 -3.42
C ASP B 39 -14.02 35.44 -4.57
N VAL B 40 -13.90 34.25 -5.14
CA VAL B 40 -14.38 34.06 -6.49
C VAL B 40 -15.06 32.70 -6.75
N LEU B 41 -15.97 32.66 -7.71
CA LEU B 41 -16.56 31.40 -8.18
C LEU B 41 -16.62 31.43 -9.70
N LEU B 42 -16.54 30.26 -10.32
CA LEU B 42 -16.74 30.18 -11.75
C LEU B 42 -18.22 30.10 -12.06
N VAL B 43 -18.59 30.72 -13.16
CA VAL B 43 -19.97 30.83 -13.61
C VAL B 43 -20.31 29.72 -14.62
N PRO B 44 -21.35 28.91 -14.34
CA PRO B 44 -21.84 27.87 -15.25
C PRO B 44 -22.18 28.44 -16.62
N ALA B 45 -21.85 27.68 -17.65
CA ALA B 45 -22.11 28.14 -19.01
C ALA B 45 -22.75 27.05 -19.86
N LYS B 46 -23.26 27.40 -21.02
CA LYS B 46 -23.82 26.41 -21.94
C LYS B 46 -22.82 25.25 -22.14
N SER B 47 -23.29 24.02 -21.94
CA SER B 47 -22.41 22.86 -22.02
C SER B 47 -23.02 21.69 -22.81
N ASP B 48 -22.39 21.32 -23.91
CA ASP B 48 -22.70 20.06 -24.63
C ASP B 48 -21.71 18.91 -24.35
N VAL B 49 -20.74 19.13 -23.48
CA VAL B 49 -19.70 18.14 -23.24
C VAL B 49 -19.75 17.54 -21.81
N LEU B 50 -19.75 16.22 -21.72
CA LEU B 50 -19.77 15.54 -20.42
C LEU B 50 -18.36 15.43 -19.83
N PRO B 51 -18.26 15.55 -18.49
CA PRO B 51 -17.00 15.52 -17.74
C PRO B 51 -16.04 14.37 -18.11
N ARG B 52 -16.57 13.16 -18.34
CA ARG B 52 -15.75 12.03 -18.75
C ARG B 52 -15.06 12.26 -20.11
N GLU B 53 -15.72 13.00 -21.01
CA GLU B 53 -15.24 13.22 -22.38
C GLU B 53 -14.18 14.32 -22.57
N VAL B 54 -14.07 15.23 -21.62
CA VAL B 54 -13.22 16.41 -21.81
C VAL B 54 -11.71 16.06 -21.76
N SER B 55 -10.88 16.88 -22.40
CA SER B 55 -9.44 16.67 -22.41
C SER B 55 -8.71 17.54 -21.38
N VAL B 56 -8.00 16.88 -20.47
CA VAL B 56 -7.16 17.51 -19.45
C VAL B 56 -5.66 17.56 -19.79
N LYS B 57 -5.31 17.15 -21.01
CA LYS B 57 -3.91 17.17 -21.42
C LYS B 57 -3.45 18.61 -21.63
N THR B 58 -2.18 18.86 -21.36
CA THR B 58 -1.64 20.19 -21.51
C THR B 58 -0.18 20.12 -21.96
N VAL B 59 0.15 20.91 -22.96
CA VAL B 59 1.52 21.02 -23.45
C VAL B 59 2.26 22.21 -22.80
N LEU B 60 3.34 21.92 -22.07
CA LEU B 60 4.26 22.94 -21.56
C LEU B 60 5.35 23.40 -22.56
N SER B 61 5.75 22.52 -23.46
CA SER B 61 6.61 22.85 -24.60
C SER B 61 6.54 21.65 -25.52
N GLU B 62 7.22 21.68 -26.66
CA GLU B 62 7.20 20.53 -27.57
C GLU B 62 7.75 19.26 -26.91
N SER B 63 8.78 19.42 -26.09
CA SER B 63 9.45 18.30 -25.46
C SER B 63 8.96 18.01 -24.03
N LEU B 64 7.97 18.78 -23.56
CA LEU B 64 7.37 18.49 -22.27
C LEU B 64 5.82 18.54 -22.30
N GLN B 65 5.17 17.38 -22.29
CA GLN B 65 3.73 17.28 -22.55
C GLN B 65 3.02 16.41 -21.54
N LEU B 66 2.13 17.02 -20.77
CA LEU B 66 1.47 16.35 -19.68
C LEU B 66 0.08 15.88 -20.07
N ASN B 67 -0.38 14.79 -19.47
CA ASN B 67 -1.74 14.34 -19.70
C ASN B 67 -2.67 14.81 -18.63
N ILE B 68 -2.09 15.40 -17.59
CA ILE B 68 -2.86 16.04 -16.52
C ILE B 68 -2.06 17.27 -16.05
N PRO B 69 -2.77 18.37 -15.70
CA PRO B 69 -2.13 19.66 -15.39
C PRO B 69 -1.61 19.76 -13.95
N LEU B 70 -0.86 18.75 -13.56
CA LEU B 70 -0.34 18.64 -12.21
C LEU B 70 1.16 18.43 -12.22
N ILE B 71 1.83 19.17 -11.35
CA ILE B 71 3.26 19.04 -11.14
C ILE B 71 3.49 19.05 -9.66
N SER B 72 4.20 18.04 -9.17
CA SER B 72 4.55 17.99 -7.75
C SER B 72 5.75 18.90 -7.42
N ALA B 73 5.62 19.65 -6.34
CA ALA B 73 6.61 20.65 -5.97
C ALA B 73 8.02 20.14 -5.56
N GLY B 74 8.99 21.04 -5.72
CA GLY B 74 10.42 20.77 -5.64
C GLY B 74 10.98 20.81 -4.22
N MET B 75 10.16 20.39 -3.27
CA MET B 75 10.50 20.42 -1.85
C MET B 75 10.93 19.04 -1.35
N ASP B 76 11.82 19.03 -0.36
CA ASP B 76 12.36 17.78 0.20
C ASP B 76 11.34 16.93 0.96
N THR B 77 10.20 17.53 1.27
CA THR B 77 9.04 16.81 1.83
C THR B 77 8.10 16.16 0.79
N VAL B 78 7.99 16.80 -0.38
CA VAL B 78 7.15 16.31 -1.47
C VAL B 78 7.73 15.38 -2.55
N THR B 79 8.87 15.72 -3.14
CA THR B 79 9.31 15.03 -4.37
C THR B 79 10.75 14.53 -4.45
N GLU B 80 10.89 13.20 -4.49
CA GLU B 80 12.12 12.52 -4.88
C GLU B 80 11.75 11.45 -5.92
N ALA B 81 12.68 10.55 -6.23
CA ALA B 81 12.47 9.56 -7.29
C ALA B 81 11.11 8.80 -7.26
N ASP B 82 10.67 8.33 -6.10
CA ASP B 82 9.43 7.55 -6.02
C ASP B 82 8.18 8.35 -6.44
N MET B 83 8.10 9.60 -6.02
CA MET B 83 6.99 10.48 -6.34
C MET B 83 6.99 10.94 -7.81
N ALA B 84 8.18 11.29 -8.31
CA ALA B 84 8.32 11.69 -9.69
C ALA B 84 7.84 10.60 -10.66
N ILE B 85 8.11 9.34 -10.32
CA ILE B 85 7.68 8.20 -11.13
C ILE B 85 6.17 8.04 -11.03
N ALA B 86 5.66 8.11 -9.80
CA ALA B 86 4.23 8.08 -9.57
C ALA B 86 3.51 9.20 -10.34
N MET B 87 4.05 10.42 -10.28
CA MET B 87 3.47 11.55 -11.00
C MET B 87 3.38 11.30 -12.51
N ALA B 88 4.51 10.92 -13.11
CA ALA B 88 4.58 10.66 -14.54
C ALA B 88 3.62 9.56 -15.00
N ARG B 89 3.48 8.50 -14.22
CA ARG B 89 2.59 7.38 -14.56
C ARG B 89 1.15 7.85 -14.65
N GLN B 90 0.85 8.87 -13.85
CA GLN B 90 -0.46 9.47 -13.80
C GLN B 90 -0.64 10.55 -14.85
N GLY B 91 0.45 10.93 -15.51
CA GLY B 91 0.41 11.95 -16.54
C GLY B 91 0.92 13.33 -16.15
N GLY B 92 1.32 13.51 -14.90
CA GLY B 92 1.82 14.79 -14.45
C GLY B 92 3.33 14.79 -14.47
N LEU B 93 3.96 15.65 -13.66
CA LEU B 93 5.42 15.82 -13.65
C LEU B 93 5.96 15.99 -12.24
N GLY B 94 6.97 15.20 -11.86
CA GLY B 94 7.68 15.42 -10.61
C GLY B 94 8.89 16.34 -10.73
N ILE B 95 9.14 17.18 -9.72
CA ILE B 95 10.34 18.00 -9.70
C ILE B 95 11.19 17.55 -8.55
N ILE B 96 12.34 16.96 -8.88
CA ILE B 96 13.30 16.56 -7.88
C ILE B 96 13.88 17.78 -7.18
N HIS B 97 13.83 17.75 -5.85
CA HIS B 97 14.36 18.81 -4.99
C HIS B 97 15.89 18.98 -4.90
N LYS B 98 16.30 20.12 -4.34
CA LYS B 98 17.72 20.49 -4.33
C LYS B 98 18.49 20.22 -3.02
N ASN B 99 17.83 19.65 -2.02
CA ASN B 99 18.46 19.48 -0.72
C ASN B 99 19.41 18.29 -0.64
N MET B 100 19.36 17.46 -1.66
CA MET B 100 20.41 16.47 -1.87
C MET B 100 21.63 17.08 -2.53
N SER B 101 22.77 16.41 -2.42
CA SER B 101 23.93 16.78 -3.21
C SER B 101 23.71 16.52 -4.70
N ILE B 102 24.55 17.12 -5.53
CA ILE B 102 24.39 17.07 -6.98
C ILE B 102 24.52 15.66 -7.58
N GLU B 103 25.34 14.82 -6.98
CA GLU B 103 25.45 13.46 -7.47
C GLU B 103 24.19 12.65 -7.23
N GLN B 104 23.55 12.82 -6.08
CA GLN B 104 22.32 12.07 -5.79
C GLN B 104 21.10 12.58 -6.53
N GLN B 105 21.12 13.83 -6.97
CA GLN B 105 20.02 14.36 -7.74
C GLN B 105 20.04 13.78 -9.16
N ALA B 106 21.24 13.51 -9.67
CA ALA B 106 21.40 13.01 -11.03
C ALA B 106 20.92 11.58 -11.21
N GLU B 107 21.25 10.70 -10.28
CA GLU B 107 20.82 9.31 -10.44
C GLU B 107 19.39 9.19 -9.97
N GLN B 108 18.94 10.19 -9.22
CA GLN B 108 17.53 10.35 -8.97
C GLN B 108 16.81 10.57 -10.30
N VAL B 109 17.35 11.47 -11.12
CA VAL B 109 16.80 11.69 -12.45
C VAL B 109 16.89 10.42 -13.31
N ASP B 110 18.09 9.85 -13.39
CA ASP B 110 18.30 8.59 -14.10
C ASP B 110 17.31 7.49 -13.68
N LYS B 111 17.14 7.30 -12.37
CA LYS B 111 16.29 6.23 -11.87
C LYS B 111 14.89 6.38 -12.43
N VAL B 112 14.44 7.62 -12.53
CA VAL B 112 13.13 7.93 -13.11
C VAL B 112 13.14 7.68 -14.62
N LYS B 113 14.15 8.20 -15.30
CA LYS B 113 14.30 8.02 -16.74
C LYS B 113 14.37 6.55 -17.13
N ARG B 114 14.98 5.74 -16.27
CA ARG B 114 15.16 4.32 -16.60
C ARG B 114 14.08 3.42 -16.01
N SER B 115 13.11 4.01 -15.30
CA SER B 115 12.00 3.22 -14.74
C SER B 115 11.32 2.39 -15.82
N GLU B 116 11.12 2.97 -17.00
CA GLU B 116 10.80 2.17 -18.18
C GLU B 116 11.38 2.74 -19.46
N SER B 117 11.40 1.91 -20.50
CA SER B 117 12.18 2.21 -21.69
C SER B 117 11.32 2.37 -22.95
N THR B 127 28.56 -11.90 -27.33
CA THR B 127 29.20 -12.66 -28.42
C THR B 127 29.11 -14.17 -28.18
N PRO B 128 29.23 -14.99 -29.25
CA PRO B 128 29.33 -16.45 -29.10
C PRO B 128 30.59 -16.89 -28.33
N GLU B 129 31.63 -16.06 -28.36
CA GLU B 129 32.89 -16.36 -27.69
C GLU B 129 32.74 -16.32 -26.16
N HIS B 130 31.70 -15.64 -25.69
CA HIS B 130 31.42 -15.53 -24.26
C HIS B 130 31.04 -16.90 -23.69
N GLN B 131 31.07 -17.03 -22.36
CA GLN B 131 30.71 -18.29 -21.70
C GLN B 131 29.44 -18.19 -20.83
N HIS B 137 24.35 -14.31 -10.82
CA HIS B 137 24.81 -13.72 -12.07
C HIS B 137 24.03 -12.45 -12.39
N LEU B 138 24.13 -11.99 -13.64
CA LEU B 138 23.44 -10.79 -14.09
C LEU B 138 21.96 -11.06 -14.31
N MET B 139 21.65 -12.27 -14.74
CA MET B 139 20.30 -12.60 -15.16
C MET B 139 19.32 -12.66 -13.98
N GLY B 140 19.83 -13.12 -12.84
CA GLY B 140 19.02 -13.29 -11.66
C GLY B 140 18.42 -12.01 -11.12
N LYS B 141 19.24 -10.97 -11.00
CA LYS B 141 18.76 -9.69 -10.50
C LYS B 141 17.60 -9.09 -11.30
N TYR B 142 17.66 -9.20 -12.63
CA TYR B 142 16.70 -8.52 -13.49
C TYR B 142 15.32 -9.19 -13.57
N ARG B 143 15.33 -10.50 -13.83
CA ARG B 143 14.13 -11.32 -13.98
C ARG B 143 13.42 -11.24 -15.34
N ILE B 144 13.91 -10.39 -16.25
CA ILE B 144 13.54 -10.57 -17.67
C ILE B 144 14.36 -11.77 -18.16
N SER B 145 15.54 -11.94 -17.55
CA SER B 145 16.30 -13.19 -17.61
C SER B 145 16.55 -13.76 -19.01
N GLY B 146 17.09 -12.91 -19.88
CA GLY B 146 17.51 -13.33 -21.21
C GLY B 146 18.29 -12.21 -21.88
N VAL B 147 19.16 -12.54 -22.82
CA VAL B 147 19.98 -11.52 -23.48
C VAL B 147 20.26 -11.93 -24.93
N PRO B 148 20.36 -10.95 -25.84
CA PRO B 148 20.68 -11.27 -27.23
C PRO B 148 22.13 -11.72 -27.40
N VAL B 149 22.43 -12.42 -28.49
CA VAL B 149 23.81 -12.77 -28.82
C VAL B 149 24.24 -12.33 -30.25
N VAL B 150 25.28 -11.50 -30.30
CA VAL B 150 25.65 -10.79 -31.53
C VAL B 150 26.97 -11.24 -32.17
N ARG B 156 27.88 -6.01 -34.71
CA ARG B 156 26.60 -5.81 -34.03
C ARG B 156 25.48 -6.57 -34.77
N LYS B 157 25.84 -7.65 -35.46
CA LYS B 157 24.85 -8.48 -36.14
C LYS B 157 24.48 -9.70 -35.31
N LEU B 158 23.21 -10.10 -35.33
CA LEU B 158 22.70 -11.21 -34.52
C LEU B 158 23.03 -12.60 -35.07
N VAL B 159 23.14 -13.57 -34.17
CA VAL B 159 23.46 -14.95 -34.57
C VAL B 159 22.44 -15.95 -34.03
N ILE B 161 19.69 -15.53 -29.71
CA ILE B 161 19.28 -15.21 -28.34
C ILE B 161 19.67 -16.31 -27.36
N ILE B 162 20.00 -15.91 -26.14
CA ILE B 162 20.08 -16.85 -25.03
C ILE B 162 19.05 -16.49 -23.96
N THR B 163 18.11 -17.40 -23.76
CA THR B 163 16.97 -17.18 -22.87
C THR B 163 16.98 -18.24 -21.78
N ASN B 164 16.24 -17.97 -20.70
CA ASN B 164 16.17 -18.87 -19.54
C ASN B 164 15.87 -20.34 -19.88
N ARG B 165 15.05 -20.58 -20.88
CA ARG B 165 14.69 -21.95 -21.23
C ARG B 165 15.95 -22.75 -21.61
N ASP B 166 16.86 -22.08 -22.29
CA ASP B 166 18.04 -22.74 -22.89
C ASP B 166 19.00 -23.29 -21.83
N MET B 167 18.93 -22.76 -20.62
CA MET B 167 19.89 -23.08 -19.57
C MET B 167 19.51 -24.14 -18.53
N ARG B 168 18.37 -24.80 -18.70
CA ARG B 168 17.92 -25.81 -17.74
C ARG B 168 18.96 -26.89 -17.47
N PHE B 169 19.20 -27.72 -18.48
CA PHE B 169 19.88 -28.99 -18.30
C PHE B 169 21.42 -28.94 -18.46
N ILE B 170 21.97 -27.73 -18.62
CA ILE B 170 23.39 -27.48 -18.94
C ILE B 170 24.42 -28.60 -18.65
N SER B 174 32.74 -21.96 -16.86
CA SER B 174 31.51 -22.44 -17.49
C SER B 174 31.69 -22.70 -18.97
N ILE B 175 30.66 -23.25 -19.60
CA ILE B 175 30.70 -23.53 -21.03
C ILE B 175 30.47 -22.26 -21.86
N LYS B 176 31.09 -22.21 -23.04
CA LYS B 176 30.89 -21.15 -24.03
C LYS B 176 29.44 -21.05 -24.47
N ILE B 177 28.95 -19.82 -24.67
CA ILE B 177 27.54 -19.60 -25.02
C ILE B 177 27.15 -20.19 -26.38
N SER B 178 28.09 -20.24 -27.31
CA SER B 178 27.82 -20.68 -28.67
C SER B 178 27.06 -22.00 -28.77
N ASP B 179 27.31 -22.91 -27.83
CA ASP B 179 26.62 -24.19 -27.80
C ASP B 179 25.23 -24.14 -27.18
N VAL B 180 25.08 -23.37 -26.10
CA VAL B 180 23.83 -23.32 -25.36
C VAL B 180 22.77 -22.36 -25.94
N MET B 181 23.22 -21.41 -26.76
CA MET B 181 22.30 -20.44 -27.34
C MET B 181 21.53 -21.04 -28.54
N THR B 182 20.31 -20.52 -28.77
CA THR B 182 19.51 -20.96 -29.91
C THR B 182 19.70 -20.03 -31.13
N LYS B 183 20.34 -20.56 -32.16
CA LYS B 183 20.73 -19.76 -33.34
C LYS B 183 19.80 -19.84 -34.55
N GLU B 184 18.75 -20.66 -34.44
CA GLU B 184 17.92 -20.99 -35.59
C GLU B 184 16.63 -20.15 -35.68
N ILE B 187 13.12 -14.92 -34.26
CA ILE B 187 12.00 -13.98 -34.33
C ILE B 187 12.46 -12.54 -34.06
N THR B 188 12.45 -11.72 -35.12
CA THR B 188 12.97 -10.36 -35.07
C THR B 188 11.95 -9.35 -35.58
N ALA B 189 12.34 -8.07 -35.58
CA ALA B 189 11.50 -6.98 -36.08
C ALA B 189 12.37 -5.88 -36.69
N PRO B 190 11.79 -5.05 -37.57
CA PRO B 190 12.52 -3.89 -38.13
C PRO B 190 12.86 -2.82 -37.05
N VAL B 191 13.63 -1.79 -37.41
CA VAL B 191 14.11 -0.82 -36.41
C VAL B 191 13.07 0.18 -35.90
N GLY B 192 12.39 0.85 -36.84
CA GLY B 192 11.55 2.00 -36.52
C GLY B 192 10.22 1.65 -35.89
N THR B 193 10.09 0.38 -35.51
CA THR B 193 8.91 -0.21 -34.92
C THR B 193 8.52 0.36 -33.55
N THR B 194 7.23 0.37 -33.27
CA THR B 194 6.71 0.93 -32.02
C THR B 194 6.18 -0.18 -31.12
N LEU B 195 5.65 0.21 -29.97
CA LEU B 195 5.21 -0.75 -28.98
C LEU B 195 3.89 -1.40 -29.42
N SER B 196 3.03 -0.60 -30.02
CA SER B 196 1.72 -1.05 -30.46
C SER B 196 1.83 -2.26 -31.38
N GLU B 197 2.77 -2.18 -32.33
CA GLU B 197 2.96 -3.24 -33.31
C GLU B 197 3.78 -4.40 -32.75
N ALA B 198 4.78 -4.10 -31.92
CA ALA B 198 5.63 -5.13 -31.33
C ALA B 198 4.82 -6.05 -30.42
N GLU B 199 3.77 -5.50 -29.82
CA GLU B 199 2.87 -6.28 -28.98
C GLU B 199 2.23 -7.43 -29.77
N LYS B 200 1.55 -7.09 -30.85
CA LYS B 200 0.94 -8.10 -31.72
C LYS B 200 1.95 -9.13 -32.22
N ILE B 201 3.20 -8.70 -32.42
CA ILE B 201 4.25 -9.57 -32.92
C ILE B 201 4.60 -10.71 -31.96
N LEU B 202 4.98 -10.36 -30.74
CA LEU B 202 5.43 -11.36 -29.78
C LEU B 202 4.23 -11.93 -29.03
N GLN B 203 3.05 -11.35 -29.31
CA GLN B 203 1.76 -11.86 -28.86
C GLN B 203 1.53 -13.28 -29.36
N LYS B 204 1.58 -13.40 -30.69
CA LYS B 204 1.31 -14.66 -31.38
C LYS B 204 2.45 -15.67 -31.26
N TYR B 205 3.69 -15.17 -31.11
CA TYR B 205 4.83 -16.06 -31.04
C TYR B 205 5.25 -16.41 -29.61
N LYS B 206 4.56 -15.81 -28.64
CA LYS B 206 4.77 -16.13 -27.25
C LYS B 206 6.23 -15.95 -26.86
N ILE B 207 6.83 -14.87 -27.36
CA ILE B 207 8.22 -14.56 -27.07
C ILE B 207 8.29 -13.32 -26.17
N GLU B 208 9.16 -13.37 -25.16
CA GLU B 208 9.25 -12.31 -24.17
C GLU B 208 10.01 -11.06 -24.61
N LYS B 209 11.01 -11.25 -25.48
CA LYS B 209 11.91 -10.15 -25.86
C LYS B 209 12.07 -10.04 -27.38
N LEU B 210 11.87 -8.83 -27.92
CA LEU B 210 11.87 -8.65 -29.39
C LEU B 210 13.02 -7.81 -29.92
N PRO B 211 14.01 -8.45 -30.55
CA PRO B 211 15.13 -7.72 -31.16
C PRO B 211 14.75 -6.93 -32.41
N LEU B 212 15.19 -5.67 -32.45
CA LEU B 212 14.93 -4.77 -33.55
C LEU B 212 16.15 -4.64 -34.44
N VAL B 213 15.95 -4.89 -35.73
CA VAL B 213 17.04 -4.89 -36.71
C VAL B 213 16.79 -4.03 -37.96
N ASP B 214 17.88 -3.59 -38.61
CA ASP B 214 17.82 -2.89 -39.88
C ASP B 214 17.94 -3.87 -41.06
N ASN B 215 18.02 -3.34 -42.29
CA ASN B 215 18.22 -4.12 -43.50
C ASN B 215 19.38 -5.12 -43.33
N ASN B 216 20.49 -4.61 -42.78
CA ASN B 216 21.66 -5.41 -42.43
C ASN B 216 21.38 -6.53 -41.42
N GLY B 217 20.68 -6.19 -40.34
CA GLY B 217 20.59 -7.07 -39.19
C GLY B 217 21.36 -6.56 -37.97
N VAL B 218 21.91 -5.35 -38.09
CA VAL B 218 22.52 -4.65 -36.96
C VAL B 218 21.42 -4.29 -35.93
N LEU B 219 21.73 -4.37 -34.63
CA LEU B 219 20.73 -4.21 -33.58
C LEU B 219 20.60 -2.79 -33.00
N GLN B 220 19.50 -2.10 -33.28
CA GLN B 220 19.26 -0.76 -32.74
C GLN B 220 18.35 -0.71 -31.50
N GLY B 221 17.81 -1.85 -31.09
CA GLY B 221 16.88 -1.84 -29.98
C GLY B 221 16.31 -3.17 -29.54
N LEU B 222 15.57 -3.11 -28.44
CA LEU B 222 14.86 -4.27 -27.89
C LEU B 222 13.62 -3.79 -27.16
N ILE B 223 12.56 -4.59 -27.24
CA ILE B 223 11.33 -4.33 -26.51
C ILE B 223 10.88 -5.62 -25.81
N THR B 224 10.38 -5.51 -24.60
CA THR B 224 9.96 -6.67 -23.82
C THR B 224 8.45 -6.67 -23.61
N ILE B 225 7.95 -7.70 -22.93
CA ILE B 225 6.52 -7.79 -22.64
C ILE B 225 6.15 -6.85 -21.51
N LYS B 226 7.05 -6.74 -20.53
CA LYS B 226 6.83 -5.83 -19.39
C LYS B 226 6.71 -4.37 -19.85
N ASP B 227 7.55 -3.96 -20.79
CA ASP B 227 7.43 -2.65 -21.42
C ASP B 227 6.01 -2.42 -21.94
N ILE B 228 5.45 -3.46 -22.56
CA ILE B 228 4.10 -3.41 -23.12
C ILE B 228 3.03 -3.38 -22.03
N GLU B 229 3.30 -4.02 -20.90
CA GLU B 229 2.31 -4.12 -19.85
C GLU B 229 2.22 -2.83 -19.03
N LYS B 230 3.36 -2.18 -18.84
CA LYS B 230 3.40 -0.90 -18.16
C LYS B 230 2.54 0.13 -18.91
N VAL B 231 2.65 0.10 -20.23
CA VAL B 231 1.84 0.94 -21.10
C VAL B 231 0.35 0.77 -20.79
N ILE B 232 -0.04 -0.47 -20.51
CA ILE B 232 -1.44 -0.80 -20.24
C ILE B 232 -1.82 -0.43 -18.81
N GLU B 233 -0.88 -0.59 -17.88
CA GLU B 233 -1.16 -0.34 -16.49
C GLU B 233 -1.30 1.17 -16.17
N PHE B 234 -0.56 2.00 -16.89
CA PHE B 234 -0.64 3.44 -16.70
C PHE B 234 -0.79 4.10 -18.03
N PRO B 235 -1.99 3.99 -18.60
CA PRO B 235 -2.29 4.50 -19.94
C PRO B 235 -2.15 6.02 -20.01
N ASN B 236 -2.10 6.67 -18.86
CA ASN B 236 -1.99 8.13 -18.79
C ASN B 236 -0.59 8.67 -18.64
N SER B 237 0.41 7.81 -18.68
CA SER B 237 1.74 8.24 -18.30
C SER B 237 2.29 9.31 -19.25
N ALA B 238 2.98 10.30 -18.66
CA ALA B 238 3.63 11.32 -19.47
C ALA B 238 5.05 10.89 -19.80
N LYS B 239 5.39 10.87 -21.08
CA LYS B 239 6.74 10.44 -21.48
C LYS B 239 7.33 11.38 -22.51
N ASP B 240 8.63 11.22 -22.74
CA ASP B 240 9.33 11.94 -23.80
C ASP B 240 9.24 11.20 -25.16
N LYS B 241 9.97 11.69 -26.15
CA LYS B 241 9.96 11.09 -27.48
C LYS B 241 10.40 9.62 -27.50
N GLN B 242 11.29 9.25 -26.57
CA GLN B 242 11.84 7.89 -26.54
C GLN B 242 11.02 6.95 -25.67
N GLY B 243 9.91 7.42 -25.13
CA GLY B 243 9.07 6.59 -24.29
C GLY B 243 9.51 6.41 -22.85
N ARG B 244 10.39 7.29 -22.37
CA ARG B 244 10.78 7.32 -20.96
C ARG B 244 9.94 8.35 -20.20
N LEU B 245 9.57 8.03 -18.96
CA LEU B 245 8.86 8.94 -18.06
C LEU B 245 9.53 10.32 -17.96
N LEU B 246 8.71 11.37 -18.01
CA LEU B 246 9.19 12.74 -17.90
C LEU B 246 9.65 13.02 -16.48
N VAL B 247 10.64 13.89 -16.33
CA VAL B 247 11.07 14.33 -15.01
C VAL B 247 11.63 15.75 -15.08
N GLY B 248 11.68 16.41 -13.94
CA GLY B 248 12.20 17.76 -13.91
C GLY B 248 13.01 17.88 -12.63
N ALA B 249 13.87 18.89 -12.58
CA ALA B 249 14.72 19.03 -11.42
C ALA B 249 14.92 20.49 -11.02
N ALA B 250 14.98 20.78 -9.72
CA ALA B 250 15.02 22.18 -9.29
C ALA B 250 16.42 22.66 -9.46
N VAL B 251 16.66 23.89 -9.91
CA VAL B 251 18.02 24.35 -9.77
C VAL B 251 17.98 25.67 -9.13
N GLY B 252 18.88 25.84 -8.18
CA GLY B 252 18.96 27.09 -7.48
C GLY B 252 19.92 28.07 -8.14
N VAL B 253 19.76 29.36 -7.83
CA VAL B 253 20.62 30.36 -8.41
C VAL B 253 21.82 30.62 -7.49
N THR B 254 22.98 30.15 -7.92
CA THR B 254 24.25 30.29 -7.21
C THR B 254 25.35 30.11 -8.25
N ALA B 255 26.60 30.00 -7.81
CA ALA B 255 27.70 29.70 -8.73
C ALA B 255 27.78 28.20 -9.03
N ASP B 256 27.18 27.40 -8.15
CA ASP B 256 27.25 25.94 -8.23
C ASP B 256 26.12 25.38 -9.08
N ALA B 257 25.31 26.28 -9.64
CA ALA B 257 24.12 25.89 -10.38
C ALA B 257 24.47 25.24 -11.69
N MET B 258 25.34 25.91 -12.45
CA MET B 258 25.68 25.45 -13.79
C MET B 258 26.28 24.04 -13.79
N THR B 259 27.09 23.74 -12.78
CA THR B 259 27.68 22.40 -12.66
C THR B 259 26.59 21.39 -12.35
N ARG B 260 25.65 21.79 -11.52
CA ARG B 260 24.52 20.93 -11.21
C ARG B 260 23.70 20.67 -12.47
N ILE B 261 23.42 21.74 -13.19
CA ILE B 261 22.68 21.65 -14.45
C ILE B 261 23.32 20.67 -15.43
N ASP B 262 24.65 20.70 -15.52
CA ASP B 262 25.40 19.84 -16.43
C ASP B 262 25.18 18.37 -16.13
N ALA B 263 25.27 18.02 -14.85
CA ALA B 263 25.05 16.66 -14.41
C ALA B 263 23.67 16.16 -14.82
N LEU B 264 22.66 16.98 -14.55
CA LEU B 264 21.27 16.65 -14.87
C LEU B 264 21.03 16.40 -16.36
N VAL B 265 21.67 17.20 -17.20
CA VAL B 265 21.45 17.12 -18.65
C VAL B 265 21.99 15.81 -19.26
N LYS B 266 23.07 15.29 -18.69
CA LYS B 266 23.59 14.00 -19.11
C LYS B 266 22.66 12.89 -18.64
N ALA B 267 22.03 13.10 -17.48
CA ALA B 267 21.02 12.19 -16.96
C ALA B 267 19.74 12.23 -17.77
N SER B 268 19.67 13.18 -18.71
CA SER B 268 18.51 13.41 -19.59
C SER B 268 17.27 13.92 -18.87
N VAL B 269 17.46 14.92 -18.01
CA VAL B 269 16.30 15.57 -17.38
C VAL B 269 15.46 16.30 -18.45
N ASP B 270 14.14 16.28 -18.27
CA ASP B 270 13.26 16.95 -19.23
C ASP B 270 13.11 18.45 -19.00
N ALA B 271 13.30 18.86 -17.75
CA ALA B 271 13.19 20.27 -17.43
C ALA B 271 14.02 20.62 -16.19
N ILE B 272 14.56 21.83 -16.17
CA ILE B 272 15.11 22.33 -14.93
C ILE B 272 14.21 23.46 -14.43
N VAL B 273 13.92 23.42 -13.13
CA VAL B 273 13.21 24.53 -12.50
C VAL B 273 14.19 25.42 -11.76
N LEU B 274 14.37 26.65 -12.21
CA LEU B 274 15.22 27.57 -11.47
C LEU B 274 14.35 28.22 -10.44
N ASP B 275 14.59 27.90 -9.18
CA ASP B 275 13.70 28.37 -8.14
C ASP B 275 14.37 29.38 -7.22
N THR B 276 13.80 30.57 -7.21
CA THR B 276 14.23 31.60 -6.30
C THR B 276 12.95 32.24 -5.75
N ALA B 277 13.05 32.84 -4.57
CA ALA B 277 11.91 33.50 -3.94
C ALA B 277 11.54 34.75 -4.74
N HIS B 278 12.51 35.63 -4.94
CA HIS B 278 12.25 36.78 -5.78
C HIS B 278 12.84 36.55 -7.16
N GLY B 279 11.99 36.27 -8.13
CA GLY B 279 12.43 35.88 -9.44
C GLY B 279 12.61 37.08 -10.33
N HIS B 280 12.27 38.25 -9.80
CA HIS B 280 12.39 39.48 -10.57
C HIS B 280 13.80 40.03 -10.35
N SER B 281 14.65 39.23 -9.70
CA SER B 281 16.07 39.55 -9.54
C SER B 281 16.82 39.69 -10.86
N GLN B 282 17.76 40.64 -10.90
CA GLN B 282 18.69 40.77 -12.03
C GLN B 282 19.65 39.58 -12.04
N GLY B 283 19.94 39.06 -10.86
CA GLY B 283 20.73 37.85 -10.75
C GLY B 283 20.08 36.69 -11.48
N VAL B 284 18.76 36.57 -11.33
CA VAL B 284 18.00 35.49 -11.93
C VAL B 284 17.86 35.58 -13.46
N ILE B 285 17.57 36.76 -13.97
CA ILE B 285 17.61 36.98 -15.42
C ILE B 285 18.98 36.61 -16.00
N ASP B 286 20.05 36.99 -15.31
CA ASP B 286 21.40 36.71 -15.79
C ASP B 286 21.69 35.22 -15.87
N LYS B 287 21.17 34.46 -14.92
CA LYS B 287 21.38 33.03 -14.95
C LYS B 287 20.62 32.38 -16.11
N VAL B 288 19.32 32.63 -16.20
CA VAL B 288 18.47 32.11 -17.28
C VAL B 288 19.04 32.35 -18.66
N LYS B 289 19.43 33.59 -18.94
CA LYS B 289 20.03 33.91 -20.22
C LYS B 289 21.30 33.09 -20.42
N GLU B 290 22.00 32.80 -19.32
CA GLU B 290 23.28 32.10 -19.40
C GLU B 290 23.11 30.62 -19.73
N VAL B 291 22.19 29.97 -19.02
CA VAL B 291 21.85 28.58 -19.27
C VAL B 291 21.29 28.41 -20.68
N ARG B 292 20.37 29.28 -21.05
CA ARG B 292 19.76 29.24 -22.37
C ARG B 292 20.81 29.29 -23.47
N ALA B 293 21.83 30.11 -23.25
CA ALA B 293 22.96 30.22 -24.18
C ALA B 293 23.70 28.88 -24.31
N LYS B 294 23.84 28.18 -23.19
CA LYS B 294 24.58 26.91 -23.18
C LYS B 294 23.76 25.76 -23.75
N TYR B 295 22.51 25.67 -23.34
CA TYR B 295 21.61 24.61 -23.76
C TYR B 295 20.36 25.17 -24.42
N PRO B 296 20.42 25.42 -25.73
CA PRO B 296 19.34 26.12 -26.45
C PRO B 296 18.04 25.34 -26.51
N SER B 297 18.11 24.02 -26.42
CA SER B 297 16.90 23.20 -26.49
C SER B 297 16.38 22.73 -25.13
N LEU B 298 17.09 23.07 -24.06
CA LEU B 298 16.67 22.67 -22.72
C LEU B 298 15.43 23.40 -22.25
N ASN B 299 14.48 22.67 -21.67
CA ASN B 299 13.34 23.32 -21.04
C ASN B 299 13.71 24.00 -19.72
N ILE B 300 13.54 25.32 -19.68
CA ILE B 300 13.82 26.13 -18.50
C ILE B 300 12.54 26.66 -17.86
N ILE B 301 12.30 26.22 -16.64
CA ILE B 301 11.15 26.69 -15.88
C ILE B 301 11.62 27.66 -14.81
N ALA B 302 11.15 28.90 -14.88
CA ALA B 302 11.72 29.95 -14.05
C ALA B 302 10.68 30.71 -13.23
N GLY B 303 11.01 30.97 -11.96
CA GLY B 303 10.15 31.69 -11.02
C GLY B 303 10.85 31.95 -9.69
N ASN B 304 10.13 32.44 -8.68
CA ASN B 304 8.71 32.77 -8.79
C ASN B 304 8.51 34.25 -9.07
N VAL B 305 7.48 34.53 -9.86
CA VAL B 305 7.06 35.91 -10.10
C VAL B 305 5.57 36.11 -9.76
N ALA B 306 5.23 37.33 -9.36
CA ALA B 306 3.84 37.75 -9.25
C ALA B 306 3.31 38.81 -10.25
N THR B 307 4.17 39.32 -11.14
CA THR B 307 3.74 40.43 -12.01
C THR B 307 3.97 40.23 -13.50
N ALA B 308 3.21 41.00 -14.27
CA ALA B 308 3.30 40.98 -15.71
C ALA B 308 4.71 41.34 -16.15
N GLU B 309 5.33 42.27 -15.41
CA GLU B 309 6.59 42.86 -15.83
C GLU B 309 7.72 41.89 -15.56
N ALA B 310 7.56 41.13 -14.48
CA ALA B 310 8.57 40.17 -14.07
C ALA B 310 8.49 39.01 -15.07
N THR B 311 7.26 38.68 -15.43
CA THR B 311 6.96 37.64 -16.38
C THR B 311 7.58 37.94 -17.73
N LYS B 312 7.33 39.15 -18.24
CA LYS B 312 7.90 39.56 -19.52
C LYS B 312 9.42 39.46 -19.53
N ALA B 313 10.06 39.82 -18.43
CA ALA B 313 11.51 39.82 -18.36
C ALA B 313 12.12 38.41 -18.39
N LEU B 314 11.44 37.46 -17.75
CA LEU B 314 11.93 36.09 -17.72
C LEU B 314 11.81 35.44 -19.09
N ILE B 315 10.73 35.79 -19.79
CA ILE B 315 10.56 35.35 -21.16
C ILE B 315 11.67 35.89 -22.09
N GLU B 316 12.05 37.14 -21.91
CA GLU B 316 13.13 37.74 -22.68
C GLU B 316 14.41 37.00 -22.37
N ALA B 317 14.57 36.58 -21.13
CA ALA B 317 15.81 35.91 -20.76
C ALA B 317 15.93 34.51 -21.38
N GLY B 318 14.83 33.98 -21.91
CA GLY B 318 14.78 32.62 -22.43
C GLY B 318 14.05 31.49 -21.68
N ALA B 319 13.21 31.80 -20.69
CA ALA B 319 12.46 30.76 -20.00
C ALA B 319 11.32 30.25 -20.87
N ASN B 320 11.06 28.94 -20.82
CA ASN B 320 9.93 28.34 -21.55
C ASN B 320 8.64 28.43 -20.78
N VAL B 321 8.78 28.26 -19.46
CA VAL B 321 7.64 28.30 -18.58
C VAL B 321 7.95 29.29 -17.49
N VAL B 322 6.90 29.95 -17.01
CA VAL B 322 7.03 30.90 -15.93
C VAL B 322 6.24 30.38 -14.73
N LYS B 323 6.91 30.29 -13.58
CA LYS B 323 6.26 29.85 -12.35
C LYS B 323 5.78 31.02 -11.52
N VAL B 324 4.50 30.98 -11.14
CA VAL B 324 3.81 32.09 -10.49
C VAL B 324 3.41 31.87 -9.04
N GLY B 325 3.60 32.95 -8.30
CA GLY B 325 3.26 33.14 -6.90
C GLY B 325 4.35 33.36 -5.89
N ILE B 326 4.02 34.38 -5.11
CA ILE B 326 4.88 34.99 -4.13
C ILE B 326 3.98 35.21 -2.92
N GLY B 327 4.25 34.46 -1.85
CA GLY B 327 3.42 34.44 -0.66
C GLY B 327 2.27 33.46 -0.44
N PRO B 328 1.62 32.92 -1.50
CA PRO B 328 0.37 32.22 -1.19
C PRO B 328 0.48 30.84 -0.49
N GLY B 329 1.64 30.19 -0.51
CA GLY B 329 1.78 28.85 0.03
C GLY B 329 1.31 28.67 1.46
N SER B 330 0.92 27.45 1.82
CA SER B 330 0.36 27.17 3.13
C SER B 330 1.39 27.25 4.26
N ILE B 331 2.62 26.82 3.98
CA ILE B 331 3.71 26.91 4.94
C ILE B 331 4.51 28.23 4.70
N CYS B 332 4.00 29.04 3.78
CA CYS B 332 4.67 30.30 3.42
C CYS B 332 4.44 31.47 4.40
N THR B 333 5.56 31.99 4.91
CA THR B 333 5.61 33.14 5.81
C THR B 333 6.07 34.49 5.21
N THR B 334 6.26 34.55 3.89
CA THR B 334 6.66 35.77 3.20
C THR B 334 5.83 37.04 3.48
N ARG B 335 4.50 36.94 3.37
CA ARG B 335 3.58 38.06 3.60
C ARG B 335 3.61 38.56 5.02
N VAL B 336 3.85 37.66 5.94
CA VAL B 336 3.88 37.99 7.35
C VAL B 336 5.19 38.61 7.75
N VAL B 337 6.27 37.99 7.30
CA VAL B 337 7.61 38.35 7.72
C VAL B 337 8.13 39.58 6.97
N ALA B 338 7.98 39.55 5.65
CA ALA B 338 8.41 40.64 4.82
C ALA B 338 7.27 41.56 4.36
N GLY B 339 6.03 41.20 4.65
CA GLY B 339 4.90 42.04 4.29
C GLY B 339 4.63 42.10 2.80
N VAL B 340 5.03 41.05 2.09
CA VAL B 340 5.08 41.06 0.64
C VAL B 340 4.22 39.95 0.02
N GLY B 341 3.54 40.24 -1.09
CA GLY B 341 2.84 39.22 -1.85
C GLY B 341 1.84 39.76 -2.87
N VAL B 342 1.29 38.85 -3.69
CA VAL B 342 0.11 39.16 -4.49
C VAL B 342 -0.90 38.04 -4.32
N PRO B 343 -2.22 38.37 -4.19
CA PRO B 343 -3.26 37.32 -4.10
C PRO B 343 -3.25 36.51 -5.38
N GLN B 344 -3.26 35.21 -5.20
CA GLN B 344 -2.77 34.30 -6.22
C GLN B 344 -3.54 34.39 -7.50
N LEU B 345 -4.85 34.56 -7.39
CA LEU B 345 -5.69 34.62 -8.56
C LEU B 345 -5.33 35.79 -9.48
N THR B 346 -5.10 36.95 -8.87
CA THR B 346 -4.66 38.10 -9.62
C THR B 346 -3.24 37.90 -10.19
N ALA B 347 -2.34 37.34 -9.40
CA ALA B 347 -0.98 37.12 -9.86
C ALA B 347 -1.01 36.20 -11.08
N VAL B 348 -1.75 35.09 -10.98
CA VAL B 348 -1.87 34.19 -12.11
C VAL B 348 -2.42 34.88 -13.35
N TYR B 349 -3.49 35.65 -13.18
CA TYR B 349 -4.14 36.30 -14.31
C TYR B 349 -3.25 37.35 -14.94
N ASP B 350 -2.65 38.21 -14.12
CA ASP B 350 -1.73 39.25 -14.60
C ASP B 350 -0.51 38.66 -15.34
N CYS B 351 -0.01 37.53 -14.86
CA CYS B 351 1.15 36.91 -15.46
C CYS B 351 0.78 36.19 -16.74
N ALA B 352 -0.37 35.55 -16.73
CA ALA B 352 -0.90 34.89 -17.92
C ALA B 352 -1.27 35.91 -18.98
N THR B 353 -1.76 37.07 -18.54
CA THR B 353 -2.06 38.15 -19.48
C THR B 353 -0.82 38.55 -20.29
N GLU B 354 0.33 38.52 -19.63
CA GLU B 354 1.61 38.80 -20.28
C GLU B 354 2.13 37.61 -21.10
N ALA B 355 2.10 36.43 -20.50
CA ALA B 355 2.68 35.24 -21.12
C ALA B 355 1.93 34.84 -22.40
N ARG B 356 0.61 35.04 -22.41
CA ARG B 356 -0.23 34.71 -23.56
C ARG B 356 0.29 35.33 -24.83
N LYS B 357 0.86 36.51 -24.69
CA LYS B 357 1.28 37.29 -25.83
C LYS B 357 2.52 36.68 -26.46
N HIS B 358 3.25 35.89 -25.69
CA HIS B 358 4.40 35.19 -26.21
C HIS B 358 4.18 33.71 -26.53
N GLY B 359 2.95 33.25 -26.33
CA GLY B 359 2.64 31.83 -26.38
C GLY B 359 3.37 31.04 -25.30
N ILE B 360 3.58 31.67 -24.14
CA ILE B 360 4.31 31.06 -23.04
C ILE B 360 3.37 30.59 -21.92
N PRO B 361 3.53 29.32 -21.50
CA PRO B 361 2.72 28.79 -20.42
C PRO B 361 3.18 29.26 -19.03
N VAL B 362 2.22 29.32 -18.12
CA VAL B 362 2.45 29.70 -16.75
C VAL B 362 2.03 28.57 -15.78
N ILE B 363 2.78 28.41 -14.70
CA ILE B 363 2.44 27.44 -13.66
C ILE B 363 1.94 28.14 -12.43
N ALA B 364 0.74 27.77 -11.98
CA ALA B 364 0.21 28.36 -10.76
C ALA B 364 0.78 27.60 -9.56
N ASP B 365 1.60 28.27 -8.78
CA ASP B 365 2.31 27.62 -7.70
C ASP B 365 1.88 28.18 -6.33
N GLY B 366 1.19 27.36 -5.55
CA GLY B 366 0.86 27.74 -4.17
C GLY B 366 -0.55 28.22 -3.91
N GLY B 367 -1.02 27.99 -2.69
CA GLY B 367 -2.34 28.40 -2.26
C GLY B 367 -3.52 27.53 -2.63
N ILE B 368 -3.29 26.36 -3.20
CA ILE B 368 -4.41 25.51 -3.61
C ILE B 368 -4.75 24.51 -2.52
N LYS B 369 -5.90 24.74 -1.88
CA LYS B 369 -6.38 23.86 -0.83
C LYS B 369 -7.37 22.79 -1.30
N TYR B 370 -7.98 23.01 -2.46
CA TYR B 370 -9.05 22.12 -2.96
C TYR B 370 -8.98 22.08 -4.46
N SER B 371 -9.60 21.06 -5.04
CA SER B 371 -9.70 20.94 -6.48
C SER B 371 -10.37 22.17 -7.11
N GLY B 372 -11.39 22.71 -6.44
CA GLY B 372 -11.98 23.97 -6.88
C GLY B 372 -10.91 25.05 -7.12
N ASP B 373 -9.92 25.13 -6.24
CA ASP B 373 -8.89 26.16 -6.34
C ASP B 373 -8.07 25.91 -7.60
N MET B 374 -7.70 24.66 -7.77
CA MET B 374 -7.04 24.24 -9.00
C MET B 374 -7.79 24.67 -10.24
N VAL B 375 -9.07 24.30 -10.29
CA VAL B 375 -9.95 24.62 -11.40
C VAL B 375 -9.89 26.13 -11.65
N LYS B 376 -10.09 26.89 -10.58
CA LYS B 376 -9.99 28.34 -10.62
C LYS B 376 -8.66 28.82 -11.18
N ALA B 377 -7.56 28.21 -10.75
CA ALA B 377 -6.22 28.61 -11.22
C ALA B 377 -6.03 28.45 -12.71
N LEU B 378 -6.57 27.37 -13.26
CA LEU B 378 -6.42 27.12 -14.68
C LEU B 378 -7.34 28.07 -15.46
N ALA B 379 -8.55 28.27 -14.95
CA ALA B 379 -9.49 29.22 -15.56
C ALA B 379 -8.99 30.68 -15.41
N ALA B 380 -8.14 30.91 -14.42
CA ALA B 380 -7.46 32.19 -14.32
C ALA B 380 -6.44 32.36 -15.42
N GLY B 381 -6.16 31.30 -16.17
CA GLY B 381 -5.13 31.37 -17.20
C GLY B 381 -3.83 30.58 -17.04
N ALA B 382 -3.60 29.94 -15.91
CA ALA B 382 -2.46 29.02 -15.82
C ALA B 382 -2.71 27.77 -16.67
N HIS B 383 -1.63 27.19 -17.18
CA HIS B 383 -1.71 25.92 -17.88
C HIS B 383 -1.75 24.76 -16.91
N VAL B 384 -0.99 24.91 -15.83
CA VAL B 384 -0.74 23.79 -14.95
C VAL B 384 -0.70 24.34 -13.54
N VAL B 385 -0.84 23.48 -12.54
CA VAL B 385 -0.63 23.91 -11.18
C VAL B 385 0.41 23.05 -10.47
N MET B 386 1.00 23.63 -9.44
CA MET B 386 2.03 22.98 -8.65
C MET B 386 1.56 22.82 -7.19
N LEU B 387 1.68 21.61 -6.66
CA LEU B 387 1.10 21.29 -5.36
C LEU B 387 2.12 20.74 -4.38
N GLY B 388 2.40 21.49 -3.32
CA GLY B 388 3.22 20.95 -2.25
C GLY B 388 2.49 20.16 -1.17
N SER B 389 1.51 20.81 -0.57
CA SER B 389 0.96 20.32 0.69
C SER B 389 -0.03 19.20 0.47
N MET B 390 -0.71 19.22 -0.67
CA MET B 390 -1.72 18.22 -0.94
C MET B 390 -1.08 16.88 -1.22
N PHE B 391 0.17 16.92 -1.67
CA PHE B 391 0.90 15.70 -1.97
C PHE B 391 1.74 15.15 -0.83
N ALA B 392 2.01 15.98 0.18
CA ALA B 392 3.05 15.64 1.17
C ALA B 392 2.71 14.41 2.04
N GLY B 393 1.43 14.04 2.09
CA GLY B 393 1.06 12.85 2.82
C GLY B 393 0.88 11.60 1.97
N VAL B 394 1.15 11.68 0.67
CA VAL B 394 1.02 10.50 -0.17
C VAL B 394 2.18 9.54 0.04
N ALA B 395 1.92 8.25 -0.15
CA ALA B 395 2.92 7.19 0.11
C ALA B 395 4.29 7.47 -0.51
N GLU B 396 4.26 7.94 -1.76
CA GLU B 396 5.45 8.12 -2.58
C GLU B 396 6.31 9.31 -2.16
N SER B 397 5.76 10.20 -1.35
CA SER B 397 6.54 11.34 -0.85
C SER B 397 7.64 10.80 0.06
N PRO B 398 8.79 11.49 0.05
CA PRO B 398 10.04 11.00 0.65
C PRO B 398 9.99 10.56 2.13
N GLY B 399 9.08 11.08 2.96
CA GLY B 399 9.09 10.72 4.37
C GLY B 399 8.35 9.45 4.79
N GLU B 400 8.26 9.23 6.10
CA GLU B 400 7.32 8.25 6.67
C GLU B 400 6.59 8.85 7.87
N GLY B 406 -1.97 8.29 17.98
CA GLY B 406 -2.03 6.94 17.45
C GLY B 406 -2.57 6.95 16.03
N ARG B 407 -2.33 8.08 15.35
CA ARG B 407 -2.91 8.37 14.06
C ARG B 407 -1.80 8.67 13.06
N GLN B 408 -1.78 7.97 11.94
CA GLN B 408 -0.66 8.09 11.02
C GLN B 408 -0.54 9.51 10.49
N PHE B 409 0.70 9.99 10.43
CA PHE B 409 0.97 11.34 9.92
C PHE B 409 2.25 11.40 9.10
N LYS B 410 2.42 12.54 8.42
CA LYS B 410 3.65 12.85 7.73
C LYS B 410 4.04 14.32 7.93
N VAL B 411 5.35 14.55 8.10
CA VAL B 411 5.91 15.89 8.28
C VAL B 411 5.87 16.72 6.99
N TYR B 412 5.55 18.01 7.12
CA TYR B 412 5.59 18.94 6.00
C TYR B 412 6.25 20.27 6.44
N ARG B 413 7.38 20.62 5.83
CA ARG B 413 8.12 21.84 6.19
C ARG B 413 8.36 22.72 4.96
N GLY B 414 8.66 23.99 5.19
CA GLY B 414 8.97 24.89 4.10
C GLY B 414 10.42 24.82 3.66
N MET B 415 10.69 25.28 2.43
CA MET B 415 12.06 25.29 1.91
C MET B 415 12.81 26.54 2.33
N ILE B 442 9.41 26.89 9.43
CA ILE B 442 8.06 26.54 9.82
C ILE B 442 7.62 25.18 9.29
N GLU B 443 7.10 24.34 10.17
CA GLU B 443 6.57 23.04 9.77
C GLU B 443 5.39 22.61 10.65
N GLY B 444 4.56 21.76 10.08
CA GLY B 444 3.46 21.14 10.79
C GLY B 444 3.27 19.79 10.16
N ARG B 445 2.35 19.00 10.69
CA ARG B 445 2.14 17.67 10.13
C ARG B 445 0.92 17.64 9.20
N VAL B 446 1.02 16.85 8.13
CA VAL B 446 -0.12 16.52 7.30
C VAL B 446 -0.39 15.04 7.53
N PRO B 447 -1.65 14.62 7.41
CA PRO B 447 -2.01 13.22 7.61
C PRO B 447 -1.69 12.32 6.42
N TYR B 448 -1.46 11.04 6.67
CA TYR B 448 -1.12 10.10 5.60
C TYR B 448 -2.32 9.86 4.66
N LYS B 449 -2.12 10.20 3.39
CA LYS B 449 -3.19 10.25 2.39
C LYS B 449 -3.30 9.03 1.52
N GLY B 450 -2.48 8.02 1.79
CA GLY B 450 -2.36 6.87 0.92
C GLY B 450 -1.62 7.17 -0.38
N PRO B 451 -1.83 6.32 -1.40
CA PRO B 451 -1.18 6.43 -2.71
C PRO B 451 -1.55 7.69 -3.45
N LEU B 452 -0.59 8.19 -4.22
CA LEU B 452 -0.73 9.37 -5.03
C LEU B 452 -1.94 9.34 -5.95
N ALA B 453 -2.13 8.18 -6.57
CA ALA B 453 -3.14 7.98 -7.59
C ALA B 453 -4.55 8.36 -7.14
N ASP B 454 -4.83 8.14 -5.86
CA ASP B 454 -6.17 8.36 -5.31
C ASP B 454 -6.46 9.85 -5.20
N THR B 455 -5.44 10.57 -4.76
CA THR B 455 -5.49 12.01 -4.64
C THR B 455 -5.69 12.65 -6.01
N VAL B 456 -4.84 12.26 -6.94
CA VAL B 456 -4.91 12.76 -8.31
C VAL B 456 -6.27 12.45 -8.94
N HIS B 457 -6.79 11.27 -8.67
CA HIS B 457 -8.04 10.85 -9.26
C HIS B 457 -9.16 11.76 -8.78
N GLN B 458 -9.11 12.10 -7.50
CA GLN B 458 -10.02 13.08 -6.94
C GLN B 458 -9.81 14.48 -7.57
N LEU B 459 -8.56 14.94 -7.60
CA LEU B 459 -8.25 16.24 -8.20
C LEU B 459 -8.77 16.36 -9.61
N VAL B 460 -8.45 15.38 -10.44
CA VAL B 460 -8.80 15.44 -11.84
C VAL B 460 -10.32 15.27 -12.00
N GLY B 461 -10.93 14.55 -11.07
CA GLY B 461 -12.38 14.41 -11.06
C GLY B 461 -13.05 15.75 -10.85
N GLY B 462 -12.49 16.56 -9.96
CA GLY B 462 -13.01 17.89 -9.70
C GLY B 462 -12.80 18.80 -10.89
N LEU B 463 -11.63 18.68 -11.52
CA LEU B 463 -11.35 19.46 -12.70
C LEU B 463 -12.32 19.09 -13.84
N ARG B 464 -12.67 17.82 -13.96
CA ARG B 464 -13.57 17.41 -15.03
C ARG B 464 -14.99 17.93 -14.84
N ALA B 465 -15.47 17.94 -13.60
CA ALA B 465 -16.78 18.51 -13.30
C ALA B 465 -16.79 20.02 -13.59
N GLY B 466 -15.76 20.72 -13.12
CA GLY B 466 -15.66 22.15 -13.37
C GLY B 466 -15.69 22.51 -14.84
N MET B 467 -14.89 21.80 -15.63
CA MET B 467 -14.89 21.92 -17.08
C MET B 467 -16.26 21.63 -17.74
N GLY B 468 -16.99 20.66 -17.20
CA GLY B 468 -18.33 20.39 -17.69
C GLY B 468 -19.26 21.55 -17.39
N TYR B 469 -19.22 22.07 -16.17
CA TYR B 469 -20.04 23.22 -15.75
C TYR B 469 -19.78 24.44 -16.62
N CYS B 470 -18.54 24.59 -17.06
CA CYS B 470 -18.15 25.75 -17.86
C CYS B 470 -18.30 25.52 -19.36
N GLY B 471 -18.78 24.34 -19.74
CA GLY B 471 -18.85 23.90 -21.12
C GLY B 471 -17.51 23.90 -21.84
N ALA B 472 -16.47 23.38 -21.19
CA ALA B 472 -15.12 23.45 -21.72
C ALA B 472 -14.58 22.09 -22.18
N GLN B 473 -14.38 21.94 -23.48
CA GLN B 473 -13.87 20.70 -24.10
C GLN B 473 -12.45 20.35 -23.69
N ASP B 474 -11.62 21.37 -23.52
CA ASP B 474 -10.20 21.23 -23.30
C ASP B 474 -9.70 22.45 -22.52
N LEU B 475 -8.49 22.36 -21.99
CA LEU B 475 -7.94 23.39 -21.10
C LEU B 475 -7.78 24.79 -21.72
N GLU B 476 -7.39 24.87 -22.99
CA GLU B 476 -7.28 26.16 -23.67
C GLU B 476 -8.60 26.92 -23.66
N PHE B 477 -9.70 26.18 -23.86
CA PHE B 477 -11.01 26.79 -23.87
C PHE B 477 -11.34 27.34 -22.50
N LEU B 478 -11.03 26.56 -21.47
CA LEU B 478 -11.21 27.02 -20.10
C LEU B 478 -10.44 28.34 -19.85
N ARG B 479 -9.13 28.31 -20.09
CA ARG B 479 -8.30 29.50 -19.95
C ARG B 479 -8.90 30.69 -20.67
N GLU B 480 -9.26 30.51 -21.94
CA GLU B 480 -9.76 31.62 -22.75
C GLU B 480 -11.21 32.04 -22.42
N ASN B 481 -12.10 31.08 -22.14
CA ASN B 481 -13.49 31.46 -21.99
C ASN B 481 -14.12 31.58 -20.61
N ALA B 482 -13.50 31.00 -19.59
CA ALA B 482 -14.19 30.88 -18.32
C ALA B 482 -14.41 32.22 -17.60
N GLN B 483 -15.58 32.36 -16.97
CA GLN B 483 -15.95 33.61 -16.32
C GLN B 483 -16.11 33.46 -14.82
N PHE B 484 -15.69 34.49 -14.11
CA PHE B 484 -15.79 34.50 -12.68
C PHE B 484 -16.83 35.48 -12.22
N ILE B 485 -17.40 35.19 -11.06
CA ILE B 485 -18.18 36.18 -10.34
C ILE B 485 -17.55 36.34 -8.95
N ARG B 486 -17.37 37.59 -8.55
CA ARG B 486 -16.77 37.90 -7.26
C ARG B 486 -17.82 37.91 -6.18
N MET B 487 -17.48 37.32 -5.04
CA MET B 487 -18.39 37.28 -3.90
C MET B 487 -17.69 37.84 -2.69
N SER B 488 -18.45 38.11 -1.64
CA SER B 488 -17.89 38.59 -0.37
C SER B 488 -17.56 37.43 0.60
N GLY B 489 -17.10 37.78 1.80
CA GLY B 489 -16.89 36.79 2.86
C GLY B 489 -18.13 35.96 3.13
N ALA B 490 -19.26 36.63 3.36
CA ALA B 490 -20.55 35.98 3.55
C ALA B 490 -20.92 35.04 2.39
N GLY B 491 -20.43 35.36 1.21
CA GLY B 491 -20.67 34.54 0.05
C GLY B 491 -19.88 33.24 0.11
N LEU B 492 -18.68 33.33 0.66
CA LEU B 492 -17.79 32.16 0.78
C LEU B 492 -18.33 31.08 1.72
N LEU B 493 -19.05 31.48 2.77
CA LEU B 493 -19.65 30.54 3.73
C LEU B 493 -20.82 29.71 3.14
N GLU B 494 -21.58 30.30 2.22
CA GLU B 494 -22.67 29.62 1.50
C GLU B 494 -22.18 28.51 0.53
N SER B 495 -20.89 28.53 0.22
CA SER B 495 -20.29 27.49 -0.62
C SER B 495 -20.19 26.14 0.11
N HIS B 496 -20.05 26.21 1.43
CA HIS B 496 -19.87 25.01 2.24
C HIS B 496 -21.15 24.64 2.98
P XMP C . -11.32 -4.48 21.88
O1P XMP C . -10.18 -4.94 21.04
O2P XMP C . -11.06 -3.62 23.14
O5' XMP C . -12.29 -5.70 22.22
O3P XMP C . -12.15 -3.61 20.95
C5' XMP C . -12.77 -6.57 21.20
C4' XMP C . -13.70 -7.62 21.74
O4' XMP C . -14.93 -6.99 22.19
C1' XMP C . -16.01 -7.89 22.06
N9 XMP C . -17.09 -7.23 21.30
C4 XMP C . -18.39 -7.21 21.66
N3 XMP C . -19.09 -7.73 22.68
N1 XMP C . -21.09 -6.84 21.84
C2 XMP C . -20.42 -7.55 22.76
O2 XMP C . -21.10 -8.09 23.82
C6 XMP C . -20.44 -6.30 20.80
O6 XMP C . -21.15 -5.56 19.81
C5 XMP C . -19.06 -6.48 20.67
N7 XMP C . -18.15 -6.09 19.77
C8 XMP C . -16.94 -6.54 20.16
C2' XMP C . -15.50 -9.15 21.35
O2' XMP C . -15.26 -10.15 22.33
C3' XMP C . -14.19 -8.65 20.74
O3' XMP C . -13.24 -9.68 20.51
P XMP D . 1.09 24.69 -1.25
O1P XMP D . 0.48 23.56 -1.99
O2P XMP D . 0.19 25.80 -0.66
O5' XMP D . 2.28 25.34 -2.11
O3P XMP D . 1.70 24.04 -0.03
C5' XMP D . 3.65 24.97 -1.88
C4' XMP D . 4.59 25.96 -2.54
O4' XMP D . 4.93 27.02 -1.60
C1' XMP D . 6.23 27.51 -1.89
N9 XMP D . 7.08 27.38 -0.68
C4 XMP D . 7.87 28.36 -0.20
N3 XMP D . 8.13 29.64 -0.55
N1 XMP D . 9.62 29.92 1.23
C2 XMP D . 8.99 30.40 0.15
O2 XMP D . 9.22 31.69 -0.24
C6 XMP D . 9.41 28.66 1.65
O6 XMP D . 10.08 28.16 2.81
C5 XMP D . 8.52 27.84 0.93
N7 XMP D . 8.10 26.56 1.08
C8 XMP D . 7.23 26.28 0.10
C2' XMP D . 6.79 26.70 -3.07
O2' XMP D . 6.49 27.40 -4.26
C3' XMP D . 5.95 25.43 -2.97
O3' XMP D . 5.90 24.68 -4.18
O1 TAR E . 12.99 -16.87 -30.85
O11 TAR E . 12.96 -15.23 -29.44
C1 TAR E . 13.18 -16.46 -29.68
C2 TAR E . 13.66 -17.38 -28.58
O2 TAR E . 13.64 -16.71 -27.38
C3 TAR E . 12.83 -18.62 -28.46
O3 TAR E . 11.53 -18.25 -28.23
C4 TAR E . 13.27 -19.49 -27.30
O4 TAR E . 12.37 -20.01 -26.57
O41 TAR E . 14.49 -19.71 -27.06
S SO4 F . 11.55 -19.15 -22.57
O1 SO4 F . 10.59 -20.25 -22.35
O2 SO4 F . 12.42 -19.02 -21.39
O3 SO4 F . 12.38 -19.46 -23.76
O4 SO4 F . 10.82 -17.89 -22.81
#